data_3LAW
#
_entry.id   3LAW
#
_cell.length_a   35.554
_cell.length_b   89.335
_cell.length_c   89.378
_cell.angle_alpha   71.24
_cell.angle_beta   85.97
_cell.angle_gamma   85.91
#
_symmetry.space_group_name_H-M   'P 1'
#
loop_
_entity.id
_entity.type
_entity.pdbx_description
1 polymer 'Ras-related protein Rab-7a'
2 non-polymer 'MAGNESIUM ION'
3 non-polymer 'PHOSPHOAMINOPHOSPHONIC ACID-GUANYLATE ESTER'
4 water water
#
_entity_poly.entity_id   1
_entity_poly.type   'polypeptide(L)'
_entity_poly.pdbx_seq_one_letter_code
;MTSRKKVLLKVIILGDSGVGKTSLMNQYVNKKFSNQYKATIGADFLTKEVMVDDRLVTMQIWDTAGQERFQSLGVAFYRG
ADCCVLVFDVTAPNTFKTLDSWRDEFLIQASPRDPENFPFVVLGNKIDFENRQVATKRAQAWCYSKNNIPYFETSAKEAI
NVEQAFQTIARNALKQETEVELYNEFPEPIKLDKNDRAKASAESCSC
;
_entity_poly.pdbx_strand_id   A,B,C,D,E
#
loop_
_chem_comp.id
_chem_comp.type
_chem_comp.name
_chem_comp.formula
GNP non-polymer 'PHOSPHOAMINOPHOSPHONIC ACID-GUANYLATE ESTER' 'C10 H17 N6 O13 P3'
MG non-polymer 'MAGNESIUM ION' 'Mg 2'
#
# COMPACT_ATOMS: atom_id res chain seq x y z
N LYS A 6 -10.48 31.23 -21.12
CA LYS A 6 -10.36 29.86 -20.50
C LYS A 6 -9.15 29.06 -21.03
N VAL A 7 -8.07 29.00 -20.26
CA VAL A 7 -6.81 28.48 -20.80
C VAL A 7 -6.05 27.58 -19.85
N LEU A 8 -5.52 26.49 -20.40
CA LEU A 8 -4.80 25.48 -19.62
C LEU A 8 -3.31 25.73 -19.58
N LEU A 9 -2.72 25.77 -18.37
CA LEU A 9 -1.29 25.95 -18.19
C LEU A 9 -0.68 24.76 -17.47
N LYS A 10 0.36 24.21 -18.07
CA LYS A 10 1.13 23.19 -17.40
C LYS A 10 2.31 23.85 -16.72
N VAL A 11 2.50 23.51 -15.45
CA VAL A 11 3.52 24.13 -14.64
C VAL A 11 4.19 23.02 -13.84
N ILE A 12 5.50 22.92 -13.94
CA ILE A 12 6.24 21.84 -13.28
C ILE A 12 7.15 22.40 -12.20
N ILE A 13 7.16 21.79 -11.04
CA ILE A 13 7.96 22.29 -9.90
C ILE A 13 9.17 21.39 -9.62
N LEU A 14 10.35 21.90 -9.96
CA LEU A 14 11.61 21.16 -9.82
C LEU A 14 12.45 21.64 -8.64
N GLY A 15 13.20 20.70 -8.05
CA GLY A 15 14.17 21.01 -7.00
C GLY A 15 14.41 19.86 -6.03
N ASP A 16 15.42 20.02 -5.16
CA ASP A 16 15.86 18.93 -4.26
C ASP A 16 14.81 18.49 -3.27
N SER A 17 14.94 17.26 -2.80
CA SER A 17 14.07 16.75 -1.75
C SER A 17 14.24 17.49 -0.43
N GLY A 18 13.13 17.98 0.11
CA GLY A 18 13.14 18.69 1.37
C GLY A 18 12.94 20.19 1.24
N VAL A 19 12.94 20.71 0.02
CA VAL A 19 12.83 22.17 -0.18
C VAL A 19 11.43 22.68 0.08
N GLY A 20 10.45 21.81 -0.10
CA GLY A 20 9.10 22.18 0.26
C GLY A 20 8.25 22.37 -0.97
N LYS A 21 8.67 21.74 -2.07
CA LYS A 21 7.92 21.76 -3.32
C LYS A 21 6.47 21.33 -3.12
N THR A 22 6.28 20.23 -2.39
CA THR A 22 4.95 19.73 -2.08
C THR A 22 4.18 20.71 -1.17
N SER A 23 4.91 21.36 -0.27
CA SER A 23 4.28 22.20 0.73
C SER A 23 3.82 23.52 0.13
N LEU A 24 4.60 24.04 -0.82
CA LEU A 24 4.22 25.24 -1.57
C LEU A 24 3.01 24.99 -2.41
N MET A 25 2.84 23.75 -2.82
CA MET A 25 1.71 23.39 -3.65
C MET A 25 0.42 23.39 -2.84
N ASN A 26 0.42 22.61 -1.76
CA ASN A 26 -0.78 22.44 -0.95
C ASN A 26 -1.14 23.73 -0.24
N GLN A 27 -0.16 24.62 -0.09
CA GLN A 27 -0.39 25.95 0.45
C GLN A 27 -1.12 26.80 -0.59
N TYR A 28 -0.52 26.97 -1.77
CA TYR A 28 -1.15 27.72 -2.86
C TYR A 28 -2.51 27.21 -3.24
N VAL A 29 -2.65 25.91 -3.47
CA VAL A 29 -3.93 25.38 -3.91
C VAL A 29 -4.90 25.32 -2.74
N ASN A 30 -4.54 24.58 -1.70
CA ASN A 30 -5.47 24.23 -0.62
C ASN A 30 -5.32 25.03 0.68
N LYS A 31 -4.47 26.04 0.69
CA LYS A 31 -4.33 26.88 1.89
C LYS A 31 -4.01 26.06 3.19
N LYS A 32 -3.53 24.83 3.01
CA LYS A 32 -3.17 23.95 4.12
C LYS A 32 -1.66 23.70 4.20
N PHE A 33 -1.15 23.59 5.43
CA PHE A 33 0.24 23.22 5.73
C PHE A 33 0.31 22.10 6.77
N SER A 34 1.31 21.21 6.63
CA SER A 34 1.59 20.17 7.63
C SER A 34 3.08 19.90 7.81
N ASN A 35 3.47 19.62 9.05
CA ASN A 35 4.84 19.24 9.36
C ASN A 35 5.22 17.87 8.79
N GLN A 36 4.25 16.96 8.70
CA GLN A 36 4.49 15.59 8.21
C GLN A 36 5.11 15.53 6.81
N TYR A 37 6.43 15.29 6.76
CA TYR A 37 7.12 15.07 5.49
C TYR A 37 6.67 13.75 4.82
N LYS A 38 5.66 13.85 3.96
CA LYS A 38 5.20 12.72 3.15
C LYS A 38 5.95 12.72 1.82
N ALA A 39 7.16 12.17 1.82
CA ALA A 39 7.98 12.04 0.60
C ALA A 39 7.14 11.87 -0.67
N THR A 40 7.39 12.68 -1.70
CA THR A 40 6.60 12.55 -2.93
C THR A 40 7.12 11.40 -3.75
N ILE A 41 6.29 10.36 -3.83
CA ILE A 41 6.49 9.27 -4.77
C ILE A 41 6.03 9.71 -6.17
N GLY A 42 6.76 9.30 -7.20
CA GLY A 42 6.42 9.64 -8.59
C GLY A 42 6.13 11.12 -8.85
N ALA A 43 5.13 11.37 -9.70
CA ALA A 43 4.75 12.73 -10.08
C ALA A 43 3.23 12.80 -10.32
N ASP A 44 2.55 13.60 -9.50
CA ASP A 44 1.15 13.88 -9.77
C ASP A 44 0.91 15.36 -9.98
N PHE A 45 -0.34 15.79 -9.86
CA PHE A 45 -0.67 17.22 -10.02
C PHE A 45 -1.89 17.70 -9.24
N LEU A 46 -2.01 19.01 -9.18
CA LEU A 46 -3.17 19.68 -8.63
C LEU A 46 -3.54 20.84 -9.55
N THR A 47 -4.84 21.06 -9.70
CA THR A 47 -5.31 22.18 -10.47
C THR A 47 -5.76 23.30 -9.54
N LYS A 48 -5.35 24.53 -9.85
CA LYS A 48 -5.93 25.73 -9.27
C LYS A 48 -6.45 26.59 -10.43
N GLU A 49 -7.65 27.12 -10.27
CA GLU A 49 -8.16 28.07 -11.23
C GLU A 49 -7.93 29.45 -10.69
N VAL A 50 -7.34 30.30 -11.51
CA VAL A 50 -6.91 31.64 -11.12
C VAL A 50 -7.24 32.64 -12.23
N MET A 51 -7.30 33.92 -11.87
CA MET A 51 -7.48 34.95 -12.87
C MET A 51 -6.21 35.73 -13.06
N VAL A 52 -5.70 35.70 -14.28
CA VAL A 52 -4.56 36.50 -14.66
C VAL A 52 -5.02 37.44 -15.75
N ASP A 53 -4.74 38.73 -15.55
CA ASP A 53 -4.91 39.75 -16.59
C ASP A 53 -6.11 39.47 -17.46
N ASP A 54 -7.29 39.74 -16.91
CA ASP A 54 -8.55 39.68 -17.66
C ASP A 54 -8.90 38.28 -18.18
N ARG A 55 -8.26 37.24 -17.65
CA ARG A 55 -8.39 35.90 -18.22
C ARG A 55 -8.34 34.76 -17.17
N LEU A 56 -9.33 33.88 -17.22
CA LEU A 56 -9.42 32.76 -16.28
C LEU A 56 -8.48 31.69 -16.74
N VAL A 57 -7.57 31.30 -15.85
CA VAL A 57 -6.54 30.37 -16.18
C VAL A 57 -6.70 29.13 -15.31
N THR A 58 -6.65 27.95 -15.92
CA THR A 58 -6.54 26.72 -15.16
C THR A 58 -5.06 26.26 -15.11
N MET A 59 -4.51 26.31 -13.90
CA MET A 59 -3.12 25.94 -13.69
C MET A 59 -3.05 24.55 -13.18
N GLN A 60 -2.45 23.68 -13.98
CA GLN A 60 -2.17 22.32 -13.57
C GLN A 60 -0.79 22.29 -12.98
N ILE A 61 -0.68 22.01 -11.69
CA ILE A 61 0.62 22.08 -11.04
C ILE A 61 1.16 20.70 -10.73
N TRP A 62 2.21 20.32 -11.44
CA TRP A 62 2.82 19.01 -11.31
C TRP A 62 3.90 18.98 -10.25
N ASP A 63 3.67 18.21 -9.19
CA ASP A 63 4.64 18.07 -8.14
C ASP A 63 5.39 16.77 -8.28
N THR A 64 6.70 16.85 -8.20
CA THR A 64 7.56 15.73 -8.51
C THR A 64 8.32 15.24 -7.28
N ALA A 65 9.06 14.14 -7.44
CA ALA A 65 9.88 13.58 -6.36
C ALA A 65 11.36 13.97 -6.52
N GLY A 66 11.83 14.88 -5.65
CA GLY A 66 13.25 15.27 -5.61
C GLY A 66 14.20 14.08 -5.49
N GLN A 67 13.82 13.10 -4.67
CA GLN A 67 14.63 11.91 -4.46
C GLN A 67 14.80 11.12 -5.75
N GLU A 68 15.91 10.40 -5.83
CA GLU A 68 16.14 9.46 -6.92
C GLU A 68 15.61 8.11 -6.50
N ARG A 69 15.18 8.03 -5.24
CA ARG A 69 14.52 6.84 -4.69
C ARG A 69 13.21 6.56 -5.43
N PHE A 70 12.63 7.60 -6.01
CA PHE A 70 11.34 7.51 -6.68
C PHE A 70 11.41 8.00 -8.17
N GLN A 71 12.25 7.32 -8.96
CA GLN A 71 12.50 7.71 -10.37
C GLN A 71 12.06 6.62 -11.33
N SER A 72 11.10 6.94 -12.19
CA SER A 72 10.73 6.05 -13.30
C SER A 72 10.06 6.81 -14.45
N LEU A 73 10.64 6.75 -15.66
CA LEU A 73 11.99 6.20 -15.91
C LEU A 73 12.47 6.70 -17.28
N GLY A 74 12.49 8.03 -17.43
CA GLY A 74 12.51 8.69 -18.73
C GLY A 74 11.35 9.68 -18.77
N VAL A 75 11.14 10.34 -17.64
CA VAL A 75 10.00 11.24 -17.40
C VAL A 75 9.76 12.31 -18.51
N ALA A 76 8.81 12.04 -19.40
CA ALA A 76 8.46 12.99 -20.45
C ALA A 76 7.16 13.69 -20.11
N PHE A 77 6.82 13.66 -18.83
CA PHE A 77 5.69 14.44 -18.33
C PHE A 77 5.99 15.94 -18.40
N TYR A 78 7.28 16.26 -18.58
CA TYR A 78 7.80 17.64 -18.65
C TYR A 78 7.17 18.49 -19.77
N ARG A 79 7.19 17.96 -20.99
CA ARG A 79 6.78 18.73 -22.18
C ARG A 79 5.28 19.08 -22.24
N GLY A 80 4.99 20.17 -22.95
CA GLY A 80 3.75 20.89 -22.75
C GLY A 80 3.86 21.79 -21.52
N ALA A 81 5.02 21.79 -20.86
CA ALA A 81 5.23 22.70 -19.76
C ALA A 81 5.20 24.12 -20.29
N ASP A 82 4.68 25.04 -19.48
CA ASP A 82 4.53 26.43 -19.84
C ASP A 82 5.31 27.31 -18.89
N CYS A 83 5.69 26.76 -17.73
CA CYS A 83 6.56 27.43 -16.76
C CYS A 83 7.17 26.43 -15.81
N CYS A 84 8.48 26.45 -15.70
CA CYS A 84 9.13 25.60 -14.73
C CYS A 84 9.51 26.37 -13.47
N VAL A 85 9.14 25.83 -12.32
CA VAL A 85 9.39 26.49 -11.03
C VAL A 85 10.55 25.82 -10.34
N LEU A 86 11.53 26.62 -9.95
CA LEU A 86 12.74 26.03 -9.32
C LEU A 86 12.80 26.33 -7.82
N VAL A 87 12.72 25.29 -7.01
CA VAL A 87 12.67 25.50 -5.55
C VAL A 87 13.91 25.06 -4.81
N PHE A 88 14.57 26.02 -4.14
CA PHE A 88 15.61 25.74 -3.14
C PHE A 88 15.23 26.18 -1.72
N ASP A 89 15.97 25.61 -0.76
CA ASP A 89 15.74 25.79 0.67
C ASP A 89 16.79 26.75 1.17
N VAL A 90 16.38 27.94 1.56
CA VAL A 90 17.32 28.93 2.12
C VAL A 90 18.18 28.47 3.33
N THR A 91 17.82 27.38 4.00
CA THR A 91 18.65 26.87 5.09
C THR A 91 19.67 25.79 4.65
N ALA A 92 19.73 25.55 3.33
CA ALA A 92 20.54 24.46 2.78
C ALA A 92 21.25 24.86 1.44
N PRO A 93 22.53 25.26 1.54
CA PRO A 93 23.24 25.74 0.34
C PRO A 93 23.32 24.73 -0.82
N ASN A 94 23.21 23.45 -0.52
CA ASN A 94 23.24 22.41 -1.53
C ASN A 94 22.02 22.44 -2.46
N THR A 95 20.88 22.88 -1.93
CA THR A 95 19.66 22.89 -2.70
C THR A 95 19.67 24.08 -3.63
N PHE A 96 20.51 25.07 -3.32
CA PHE A 96 20.68 26.24 -4.17
C PHE A 96 21.72 25.99 -5.26
N LYS A 97 22.74 25.22 -4.92
CA LYS A 97 23.76 24.85 -5.89
C LYS A 97 23.22 23.97 -7.02
N THR A 98 22.15 23.23 -6.75
CA THR A 98 21.64 22.23 -7.71
C THR A 98 20.79 22.83 -8.81
N LEU A 99 20.58 24.14 -8.75
CA LEU A 99 19.53 24.76 -9.55
C LEU A 99 19.83 24.69 -11.03
N ASP A 100 21.07 24.97 -11.38
CA ASP A 100 21.50 24.83 -12.78
C ASP A 100 21.21 23.42 -13.30
N SER A 101 21.55 22.42 -12.48
CA SER A 101 21.38 21.03 -12.87
C SER A 101 19.91 20.67 -13.07
N TRP A 102 19.06 21.23 -12.23
CA TRP A 102 17.62 21.13 -12.41
C TRP A 102 17.19 21.88 -13.68
N ARG A 103 17.72 23.07 -13.86
CA ARG A 103 17.39 23.88 -15.03
C ARG A 103 17.86 23.25 -16.35
N ASP A 104 19.10 22.75 -16.38
CA ASP A 104 19.60 21.99 -17.54
C ASP A 104 18.75 20.75 -17.84
N GLU A 105 18.46 19.98 -16.80
CA GLU A 105 17.73 18.73 -16.98
C GLU A 105 16.38 19.04 -17.59
N PHE A 106 15.71 20.07 -17.07
CA PHE A 106 14.42 20.45 -17.59
C PHE A 106 14.49 20.78 -19.09
N LEU A 107 15.42 21.64 -19.48
CA LEU A 107 15.56 22.08 -20.86
C LEU A 107 15.91 20.94 -21.84
N ILE A 108 16.55 19.88 -21.36
CA ILE A 108 16.82 18.73 -22.21
C ILE A 108 15.55 18.01 -22.50
N GLN A 109 14.72 17.91 -21.47
CA GLN A 109 13.59 17.01 -21.46
C GLN A 109 12.43 17.62 -22.21
N ALA A 110 12.12 18.87 -21.90
CA ALA A 110 11.01 19.57 -22.53
C ALA A 110 11.42 20.18 -23.86
N SER A 111 12.73 20.35 -24.04
CA SER A 111 13.35 21.10 -25.13
C SER A 111 12.40 22.00 -25.90
N PRO A 112 11.83 23.02 -25.21
CA PRO A 112 10.95 23.98 -25.87
C PRO A 112 11.72 24.76 -26.90
N ARG A 113 11.07 25.16 -27.99
CA ARG A 113 11.75 26.06 -28.93
C ARG A 113 11.92 27.41 -28.25
N ASP A 114 12.97 28.12 -28.64
CA ASP A 114 13.45 29.29 -27.92
C ASP A 114 13.75 29.00 -26.42
N PRO A 115 14.63 28.00 -26.16
CA PRO A 115 14.88 27.53 -24.78
C PRO A 115 15.29 28.62 -23.80
N GLU A 116 15.83 29.72 -24.29
CA GLU A 116 16.39 30.71 -23.39
C GLU A 116 15.42 31.86 -23.08
N ASN A 117 14.24 31.80 -23.68
CA ASN A 117 13.15 32.64 -23.25
C ASN A 117 12.12 31.86 -22.44
N PHE A 118 12.41 30.60 -22.14
CA PHE A 118 11.47 29.81 -21.33
C PHE A 118 11.35 30.37 -19.92
N PRO A 119 10.11 30.58 -19.45
CA PRO A 119 9.91 31.14 -18.09
C PRO A 119 10.35 30.18 -16.94
N PHE A 120 11.38 30.60 -16.21
CA PHE A 120 11.74 29.95 -14.95
C PHE A 120 11.40 30.88 -13.81
N VAL A 121 10.94 30.30 -12.71
CA VAL A 121 10.77 31.06 -11.48
C VAL A 121 11.49 30.32 -10.36
N VAL A 122 12.23 31.09 -9.59
CA VAL A 122 13.02 30.54 -8.50
C VAL A 122 12.43 30.98 -7.16
N LEU A 123 12.16 29.99 -6.31
CA LEU A 123 11.60 30.27 -5.03
C LEU A 123 12.61 29.93 -3.95
N GLY A 124 13.01 30.94 -3.19
CA GLY A 124 13.80 30.72 -1.98
C GLY A 124 12.88 30.39 -0.83
N ASN A 125 12.45 29.14 -0.74
CA ASN A 125 11.51 28.71 0.31
C ASN A 125 12.14 28.67 1.70
N LYS A 126 11.31 28.97 2.71
CA LYS A 126 11.57 28.64 4.14
C LYS A 126 12.11 29.81 4.96
N ILE A 127 11.91 31.02 4.47
CA ILE A 127 12.41 32.21 5.17
C ILE A 127 11.73 32.47 6.50
N ASP A 128 10.74 31.64 6.85
CA ASP A 128 10.13 31.73 8.18
C ASP A 128 11.10 31.31 9.29
N PHE A 129 12.15 30.59 8.89
CA PHE A 129 13.27 30.25 9.77
C PHE A 129 14.19 31.44 9.92
N GLU A 130 15.10 31.38 10.90
CA GLU A 130 16.09 32.44 11.09
C GLU A 130 17.51 32.05 10.70
N ASN A 131 17.81 30.74 10.60
CA ASN A 131 19.13 30.30 10.11
C ASN A 131 19.22 30.22 8.59
N ARG A 132 18.99 31.32 7.90
CA ARG A 132 19.17 31.28 6.45
C ARG A 132 20.65 31.35 6.11
N GLN A 133 21.08 30.49 5.19
CA GLN A 133 22.49 30.34 4.82
C GLN A 133 22.79 31.12 3.55
N VAL A 134 21.80 31.12 2.66
CA VAL A 134 21.90 31.72 1.36
C VAL A 134 21.28 33.09 1.42
N ALA A 135 22.10 34.12 1.21
CA ALA A 135 21.61 35.49 1.28
C ALA A 135 20.71 35.73 0.09
N THR A 136 19.87 36.74 0.21
CA THR A 136 19.06 37.19 -0.88
C THR A 136 19.93 37.63 -2.06
N LYS A 137 21.14 38.08 -1.75
CA LYS A 137 22.00 38.76 -2.75
C LYS A 137 22.64 37.85 -3.81
N ARG A 138 23.08 36.66 -3.42
CA ARG A 138 23.71 35.73 -4.39
C ARG A 138 22.71 34.86 -5.15
N ALA A 139 21.46 34.83 -4.67
CA ALA A 139 20.40 34.14 -5.39
C ALA A 139 19.70 35.12 -6.30
N GLN A 140 19.68 36.39 -5.89
CA GLN A 140 19.22 37.45 -6.76
C GLN A 140 20.16 37.54 -7.96
N ALA A 141 21.47 37.55 -7.67
CA ALA A 141 22.50 37.47 -8.72
C ALA A 141 22.27 36.26 -9.63
N TRP A 142 22.10 35.09 -9.04
CA TRP A 142 22.04 33.87 -9.84
C TRP A 142 20.86 33.86 -10.81
N CYS A 143 19.73 34.40 -10.37
CA CYS A 143 18.55 34.45 -11.20
C CYS A 143 18.75 35.51 -12.27
N TYR A 144 19.60 36.48 -11.98
CA TYR A 144 19.89 37.53 -12.92
C TYR A 144 20.89 37.03 -13.98
N SER A 145 21.88 36.25 -13.54
CA SER A 145 22.86 35.66 -14.45
C SER A 145 22.18 34.81 -15.54
N LYS A 146 21.01 34.27 -15.21
CA LYS A 146 20.35 33.30 -16.07
C LYS A 146 19.11 33.90 -16.72
N ASN A 147 19.33 34.84 -17.64
CA ASN A 147 18.25 35.51 -18.37
C ASN A 147 17.26 36.29 -17.50
N ASN A 148 17.76 36.84 -16.39
CA ASN A 148 16.94 37.67 -15.50
C ASN A 148 15.60 37.02 -15.10
N ILE A 149 15.66 35.87 -14.42
CA ILE A 149 14.43 35.21 -14.02
C ILE A 149 13.96 35.62 -12.64
N PRO A 150 12.64 35.76 -12.46
CA PRO A 150 12.11 36.37 -11.24
C PRO A 150 12.30 35.45 -10.05
N TYR A 151 12.34 36.07 -8.87
CA TYR A 151 12.79 35.42 -7.68
C TYR A 151 11.96 35.89 -6.46
N PHE A 152 11.40 34.94 -5.72
CA PHE A 152 10.73 35.29 -4.48
C PHE A 152 11.29 34.49 -3.33
N GLU A 153 11.24 35.05 -2.12
CA GLU A 153 11.61 34.33 -0.92
C GLU A 153 10.30 33.98 -0.21
N THR A 154 9.98 32.69 -0.14
CA THR A 154 8.66 32.30 0.29
C THR A 154 8.71 31.49 1.56
N SER A 155 7.54 31.28 2.16
CA SER A 155 7.38 30.36 3.27
C SER A 155 6.01 29.70 3.16
N ALA A 156 6.00 28.38 2.99
CA ALA A 156 4.77 27.62 2.81
C ALA A 156 4.02 27.52 4.11
N LYS A 157 4.77 27.45 5.20
CA LYS A 157 4.21 27.34 6.53
C LYS A 157 3.37 28.56 6.85
N GLU A 158 4.02 29.73 6.83
CA GLU A 158 3.39 30.99 7.28
C GLU A 158 2.83 31.73 6.09
N ALA A 159 3.08 31.16 4.91
CA ALA A 159 2.47 31.59 3.65
C ALA A 159 2.91 32.97 3.20
N ILE A 160 4.21 33.21 3.21
CA ILE A 160 4.72 34.51 2.74
C ILE A 160 5.08 34.38 1.28
N ASN A 161 4.58 35.32 0.46
CA ASN A 161 4.87 35.39 -0.99
C ASN A 161 4.46 34.16 -1.79
N VAL A 162 3.61 33.33 -1.23
CA VAL A 162 3.17 32.14 -1.94
C VAL A 162 2.27 32.61 -3.06
N GLU A 163 1.27 33.40 -2.71
CA GLU A 163 0.28 33.90 -3.64
C GLU A 163 0.94 34.79 -4.69
N GLN A 164 1.73 35.74 -4.21
CA GLN A 164 2.36 36.70 -5.04
C GLN A 164 3.14 35.93 -6.11
N ALA A 165 4.01 35.02 -5.66
CA ALA A 165 4.90 34.29 -6.56
C ALA A 165 4.10 33.55 -7.61
N PHE A 166 3.01 32.94 -7.20
CA PHE A 166 2.23 32.14 -8.12
C PHE A 166 1.45 32.98 -9.13
N GLN A 167 1.11 34.23 -8.77
CA GLN A 167 0.61 35.20 -9.77
C GLN A 167 1.62 35.38 -10.94
N THR A 168 2.90 35.55 -10.59
CA THR A 168 3.98 35.58 -11.59
C THR A 168 4.16 34.25 -12.33
N ILE A 169 4.16 33.13 -11.60
CA ILE A 169 4.23 31.81 -12.25
C ILE A 169 3.13 31.77 -13.31
N ALA A 170 1.94 32.25 -12.93
CA ALA A 170 0.75 32.19 -13.76
C ALA A 170 0.95 32.99 -15.02
N ARG A 171 1.21 34.28 -14.80
CA ARG A 171 1.33 35.28 -15.86
C ARG A 171 2.42 34.93 -16.82
N ASN A 172 3.51 34.33 -16.32
CA ASN A 172 4.62 33.97 -17.17
C ASN A 172 4.34 32.68 -17.91
N ALA A 173 3.74 31.72 -17.22
CA ALA A 173 3.19 30.56 -17.92
C ALA A 173 2.28 31.00 -19.09
N LEU A 174 1.47 32.03 -18.88
CA LEU A 174 0.50 32.44 -19.90
C LEU A 174 1.15 33.13 -21.11
N LYS A 175 2.14 33.99 -20.86
CA LYS A 175 2.90 34.59 -21.94
C LYS A 175 3.49 33.52 -22.83
N GLN A 176 4.03 32.48 -22.19
CA GLN A 176 4.74 31.39 -22.87
C GLN A 176 3.78 30.56 -23.67
N GLU A 177 2.62 30.29 -23.08
CA GLU A 177 1.56 29.61 -23.76
C GLU A 177 1.13 30.42 -24.99
N THR A 178 1.07 31.74 -24.83
CA THR A 178 0.62 32.62 -25.92
C THR A 178 1.60 32.56 -27.06
N GLU A 179 2.89 32.51 -26.71
CA GLU A 179 3.97 32.46 -27.67
C GLU A 179 3.84 31.25 -28.60
N VAL A 180 3.06 30.25 -28.23
CA VAL A 180 2.64 29.26 -29.20
C VAL A 180 1.50 29.83 -30.11
N GLU A 181 1.89 30.90 -30.82
CA GLU A 181 1.23 31.42 -32.00
C GLU A 181 1.34 30.38 -33.09
N LEU A 182 2.56 29.84 -33.25
CA LEU A 182 2.90 28.82 -34.25
C LEU A 182 1.91 27.64 -34.25
N LYS B 6 10.90 28.72 14.77
CA LYS B 6 11.69 29.87 14.22
C LYS B 6 13.19 29.55 14.00
N VAL B 7 13.71 28.51 14.65
CA VAL B 7 15.09 28.03 14.37
C VAL B 7 15.08 26.59 13.90
N LEU B 8 15.48 26.36 12.65
CA LEU B 8 15.61 25.01 12.16
C LEU B 8 16.85 24.33 12.72
N LEU B 9 16.71 23.07 13.10
CA LEU B 9 17.82 22.30 13.62
C LEU B 9 17.70 20.91 13.01
N LYS B 10 18.84 20.28 12.73
CA LYS B 10 18.86 18.99 12.03
C LYS B 10 19.58 17.92 12.82
N VAL B 11 18.84 16.93 13.25
CA VAL B 11 19.32 15.98 14.22
C VAL B 11 19.28 14.62 13.57
N ILE B 12 20.42 13.92 13.56
CA ILE B 12 20.46 12.56 13.00
C ILE B 12 20.60 11.51 14.08
N ILE B 13 19.79 10.46 14.02
CA ILE B 13 19.91 9.39 15.03
C ILE B 13 20.62 8.18 14.48
N LEU B 14 21.78 7.87 15.08
CA LEU B 14 22.69 6.82 14.64
C LEU B 14 22.81 5.71 15.67
N GLY B 15 23.24 4.54 15.21
CA GLY B 15 23.29 3.37 16.03
C GLY B 15 22.92 2.10 15.28
N ASP B 16 23.26 0.97 15.91
CA ASP B 16 22.99 -0.38 15.40
C ASP B 16 21.51 -0.67 15.19
N SER B 17 21.24 -1.75 14.47
CA SER B 17 19.88 -2.15 14.19
C SER B 17 19.22 -2.83 15.39
N GLY B 18 18.04 -2.36 15.79
CA GLY B 18 17.23 -3.04 16.80
C GLY B 18 17.32 -2.38 18.17
N VAL B 19 18.20 -1.40 18.28
CA VAL B 19 18.42 -0.72 19.55
C VAL B 19 17.25 0.18 19.95
N GLY B 20 16.56 0.72 18.96
CA GLY B 20 15.30 1.42 19.27
C GLY B 20 15.24 2.83 18.75
N LYS B 21 16.18 3.14 17.87
CA LYS B 21 16.27 4.43 17.21
C LYS B 21 14.91 4.90 16.73
N THR B 22 14.25 4.09 15.90
CA THR B 22 12.98 4.51 15.29
C THR B 22 11.91 4.65 16.37
N SER B 23 11.92 3.74 17.35
CA SER B 23 10.97 3.76 18.44
C SER B 23 11.19 4.99 19.31
N LEU B 24 12.45 5.39 19.47
CA LEU B 24 12.72 6.63 20.19
C LEU B 24 12.15 7.85 19.48
N MET B 25 12.34 7.90 18.17
CA MET B 25 11.97 9.09 17.41
C MET B 25 10.45 9.21 17.38
N ASN B 26 9.82 8.06 17.38
CA ASN B 26 8.40 7.98 17.21
C ASN B 26 7.65 8.21 18.53
N GLN B 27 8.33 7.86 19.63
CA GLN B 27 7.83 8.14 20.98
C GLN B 27 7.83 9.64 21.19
N TYR B 28 8.97 10.26 20.86
CA TYR B 28 9.13 11.66 21.02
C TYR B 28 8.13 12.39 20.19
N VAL B 29 8.23 12.22 18.87
CA VAL B 29 7.34 12.95 17.96
C VAL B 29 5.90 12.52 18.23
N ASN B 30 5.56 11.30 17.84
CA ASN B 30 4.17 10.91 17.70
C ASN B 30 3.56 10.43 19.00
N LYS B 31 4.38 10.34 20.05
CA LYS B 31 3.92 9.89 21.36
C LYS B 31 3.27 8.50 21.22
N LYS B 32 3.98 7.60 20.55
CA LYS B 32 3.44 6.32 20.09
C LYS B 32 4.48 5.20 20.15
N PHE B 33 4.04 4.03 20.61
CA PHE B 33 4.90 2.86 20.63
C PHE B 33 4.20 1.61 20.13
N SER B 34 4.83 0.95 19.17
CA SER B 34 4.38 -0.33 18.63
C SER B 34 5.46 -1.40 18.80
N ASN B 35 5.06 -2.63 19.11
CA ASN B 35 6.01 -3.73 19.22
C ASN B 35 6.47 -4.24 17.85
N GLN B 36 5.55 -4.22 16.88
CA GLN B 36 5.81 -4.66 15.52
C GLN B 36 7.06 -4.01 14.91
N TYR B 37 8.07 -4.82 14.64
CA TYR B 37 9.35 -4.33 14.15
C TYR B 37 9.37 -4.10 12.63
N LYS B 38 9.12 -2.86 12.23
CA LYS B 38 9.23 -2.47 10.84
C LYS B 38 10.61 -1.86 10.60
N ALA B 39 11.53 -2.68 10.10
CA ALA B 39 12.92 -2.26 9.88
C ALA B 39 13.06 -1.08 8.91
N THR B 40 14.12 -0.30 9.10
CA THR B 40 14.29 0.95 8.37
C THR B 40 14.99 0.72 7.03
N ILE B 41 14.19 0.82 5.97
CA ILE B 41 14.60 0.49 4.62
C ILE B 41 15.58 1.54 4.06
N GLY B 42 15.38 2.81 4.43
CA GLY B 42 16.23 3.87 3.92
C GLY B 42 16.64 4.89 4.98
N ALA B 43 16.40 6.17 4.68
CA ALA B 43 16.49 7.25 5.66
C ALA B 43 15.31 8.22 5.49
N ASP B 44 14.43 8.28 6.50
CA ASP B 44 13.31 9.22 6.50
C ASP B 44 13.43 10.21 7.66
N PHE B 45 12.56 11.23 7.70
CA PHE B 45 12.60 12.17 8.84
C PHE B 45 11.24 12.59 9.36
N LEU B 46 11.20 12.91 10.65
CA LEU B 46 10.04 13.52 11.26
C LEU B 46 10.43 14.87 11.86
N THR B 47 9.45 15.76 12.01
CA THR B 47 9.69 17.05 12.66
C THR B 47 8.88 17.24 13.95
N LYS B 48 9.47 18.00 14.86
CA LYS B 48 8.81 18.44 16.06
C LYS B 48 9.14 19.91 16.29
N GLU B 49 8.12 20.67 16.64
CA GLU B 49 8.34 21.99 17.15
C GLU B 49 8.45 21.89 18.67
N VAL B 50 9.48 22.52 19.21
CA VAL B 50 9.69 22.52 20.64
C VAL B 50 10.27 23.87 21.07
N MET B 51 9.86 24.34 22.25
CA MET B 51 10.44 25.55 22.83
C MET B 51 11.65 25.15 23.63
N VAL B 52 12.74 25.90 23.47
CA VAL B 52 14.00 25.58 24.09
C VAL B 52 14.56 26.82 24.74
N ASP B 53 14.78 26.75 26.05
CA ASP B 53 15.24 27.89 26.87
C ASP B 53 14.51 29.17 26.45
N ASP B 54 13.19 29.04 26.27
CA ASP B 54 12.34 30.13 25.83
C ASP B 54 12.67 30.61 24.41
N ARG B 55 12.96 29.67 23.53
CA ARG B 55 13.13 29.98 22.11
C ARG B 55 12.43 28.93 21.28
N LEU B 56 11.77 29.38 20.21
CA LEU B 56 11.01 28.46 19.37
C LEU B 56 11.89 27.81 18.32
N VAL B 57 11.78 26.49 18.25
CA VAL B 57 12.73 25.66 17.52
C VAL B 57 11.99 24.54 16.81
N THR B 58 12.52 24.18 15.64
CA THR B 58 11.98 23.11 14.84
C THR B 58 13.07 22.06 14.69
N MET B 59 12.83 20.90 15.27
CA MET B 59 13.81 19.83 15.20
C MET B 59 13.46 18.85 14.11
N GLN B 60 14.30 18.81 13.08
CA GLN B 60 14.14 17.84 11.97
C GLN B 60 14.95 16.63 12.33
N ILE B 61 14.28 15.47 12.39
CA ILE B 61 14.84 14.29 13.02
C ILE B 61 15.02 13.13 12.05
N TRP B 62 16.26 12.75 11.78
CA TRP B 62 16.53 11.71 10.79
C TRP B 62 16.76 10.29 11.35
N ASP B 63 15.84 9.41 10.98
CA ASP B 63 15.96 7.99 11.27
C ASP B 63 16.71 7.35 10.14
N THR B 64 17.59 6.42 10.51
CA THR B 64 18.54 5.84 9.61
C THR B 64 18.28 4.35 9.62
N ALA B 65 18.83 3.62 8.66
CA ALA B 65 18.83 2.17 8.73
C ALA B 65 20.05 1.69 9.52
N GLY B 66 19.81 0.89 10.55
CA GLY B 66 20.90 0.23 11.25
C GLY B 66 21.66 -0.69 10.32
N GLN B 67 20.97 -1.70 9.80
CA GLN B 67 21.57 -2.77 9.00
C GLN B 67 22.40 -2.28 7.82
N GLU B 68 23.28 -3.16 7.35
CA GLU B 68 24.04 -2.91 6.12
C GLU B 68 23.31 -3.45 4.88
N ARG B 69 22.23 -4.20 5.08
CA ARG B 69 21.40 -4.66 3.97
C ARG B 69 20.42 -3.56 3.55
N PHE B 70 20.51 -2.42 4.23
CA PHE B 70 19.80 -1.18 3.86
C PHE B 70 20.78 0.02 3.79
N GLN B 71 22.03 -0.28 3.41
CA GLN B 71 23.14 0.69 3.40
C GLN B 71 23.41 1.18 1.98
N SER B 72 23.26 2.48 1.75
CA SER B 72 23.43 3.04 0.41
C SER B 72 24.93 3.23 0.04
N LEU B 73 25.19 3.53 -1.24
CA LEU B 73 26.53 3.92 -1.69
C LEU B 73 26.75 5.44 -1.79
N GLY B 74 25.95 6.20 -1.04
CA GLY B 74 25.98 7.68 -1.06
C GLY B 74 24.87 8.32 -0.23
N VAL B 75 25.18 8.65 1.02
CA VAL B 75 24.23 9.28 1.95
C VAL B 75 24.74 10.61 2.53
N ALA B 76 24.46 11.70 1.80
CA ALA B 76 24.99 13.02 2.14
C ALA B 76 24.03 13.79 3.04
N PHE B 77 23.34 13.05 3.90
CA PHE B 77 22.49 13.68 4.90
C PHE B 77 23.26 13.98 6.18
N TYR B 78 24.30 13.20 6.45
CA TYR B 78 25.18 13.43 7.60
C TYR B 78 25.62 14.91 7.74
N ARG B 79 26.01 15.53 6.62
CA ARG B 79 26.50 16.91 6.61
C ARG B 79 25.36 17.88 6.90
N GLY B 80 25.65 18.89 7.72
CA GLY B 80 24.70 19.95 8.03
C GLY B 80 23.91 19.77 9.32
N ALA B 81 24.22 18.70 10.06
CA ALA B 81 23.50 18.37 11.30
C ALA B 81 24.02 19.16 12.50
N ASP B 82 23.18 19.29 13.51
CA ASP B 82 23.46 20.17 14.63
C ASP B 82 23.66 19.40 15.90
N CYS B 83 23.17 18.17 15.93
CA CYS B 83 23.40 17.25 17.02
C CYS B 83 23.34 15.90 16.43
N CYS B 84 24.06 14.97 17.05
CA CYS B 84 24.05 13.63 16.56
C CYS B 84 23.77 12.71 17.73
N VAL B 85 22.76 11.88 17.58
CA VAL B 85 22.28 11.12 18.70
C VAL B 85 22.77 9.72 18.52
N LEU B 86 23.48 9.20 19.51
CA LEU B 86 23.99 7.82 19.49
C LEU B 86 23.17 6.90 20.39
N VAL B 87 22.59 5.88 19.83
CA VAL B 87 21.77 4.98 20.63
C VAL B 87 22.33 3.58 20.73
N PHE B 88 22.22 2.98 21.90
CA PHE B 88 22.54 1.58 22.05
C PHE B 88 21.47 0.95 22.90
N ASP B 89 21.55 -0.38 23.06
CA ASP B 89 20.56 -1.19 23.74
C ASP B 89 21.23 -1.81 24.96
N VAL B 90 20.81 -1.40 26.16
CA VAL B 90 21.44 -1.87 27.41
C VAL B 90 21.42 -3.41 27.62
N THR B 91 20.51 -4.09 26.93
CA THR B 91 20.41 -5.56 27.05
C THR B 91 21.35 -6.28 26.11
N ALA B 92 22.03 -5.50 25.25
CA ALA B 92 22.79 -6.00 24.11
C ALA B 92 24.21 -5.40 24.07
N PRO B 93 25.15 -6.00 24.81
CA PRO B 93 26.46 -5.41 25.00
C PRO B 93 27.15 -5.08 23.68
N ASN B 94 26.83 -5.84 22.64
CA ASN B 94 27.36 -5.63 21.30
C ASN B 94 27.18 -4.21 20.75
N THR B 95 26.03 -3.60 21.06
CA THR B 95 25.66 -2.28 20.55
C THR B 95 26.30 -1.12 21.30
N PHE B 96 26.87 -1.39 22.47
CA PHE B 96 27.63 -0.37 23.18
C PHE B 96 29.02 -0.23 22.59
N LYS B 97 29.58 -1.37 22.19
CA LYS B 97 30.96 -1.38 21.71
C LYS B 97 31.06 -0.72 20.35
N THR B 98 29.92 -0.56 19.67
CA THR B 98 29.89 -0.03 18.30
C THR B 98 29.87 1.50 18.26
N LEU B 99 29.60 2.12 19.41
CA LEU B 99 29.47 3.57 19.53
C LEU B 99 30.68 4.35 18.97
N ASP B 100 31.88 3.93 19.35
CA ASP B 100 33.11 4.52 18.82
C ASP B 100 33.05 4.63 17.27
N SER B 101 32.78 3.51 16.60
CA SER B 101 32.84 3.47 15.16
C SER B 101 31.71 4.25 14.50
N TRP B 102 30.59 4.40 15.21
CA TRP B 102 29.50 5.27 14.80
C TRP B 102 29.85 6.74 14.96
N ARG B 103 30.43 7.07 16.10
CA ARG B 103 30.81 8.44 16.38
C ARG B 103 31.88 8.90 15.40
N ASP B 104 32.93 8.10 15.23
CA ASP B 104 33.96 8.36 14.20
C ASP B 104 33.34 8.48 12.80
N GLU B 105 32.41 7.59 12.47
CA GLU B 105 31.69 7.66 11.19
C GLU B 105 31.14 9.05 10.90
N PHE B 106 30.35 9.57 11.85
CA PHE B 106 29.65 10.82 11.65
C PHE B 106 30.66 11.95 11.49
N LEU B 107 31.76 11.88 12.23
CA LEU B 107 32.76 12.92 12.21
C LEU B 107 33.50 12.99 10.89
N ILE B 108 33.44 11.89 10.13
CA ILE B 108 34.04 11.84 8.82
C ILE B 108 33.03 12.31 7.82
N GLN B 109 31.83 11.78 7.97
CA GLN B 109 30.77 12.03 7.03
C GLN B 109 30.34 13.49 7.05
N ALA B 110 30.15 14.04 8.24
CA ALA B 110 29.71 15.41 8.38
C ALA B 110 30.89 16.37 8.55
N SER B 111 32.08 15.80 8.70
CA SER B 111 33.31 16.54 9.03
C SER B 111 33.10 17.98 9.50
N PRO B 112 32.46 18.16 10.68
CA PRO B 112 32.09 19.49 11.16
C PRO B 112 33.29 20.28 11.71
N ARG B 113 33.15 21.60 11.76
CA ARG B 113 34.17 22.42 12.39
C ARG B 113 34.16 22.17 13.90
N ASP B 114 35.34 22.22 14.53
CA ASP B 114 35.51 21.83 15.93
C ASP B 114 34.83 20.49 16.19
N PRO B 115 35.38 19.40 15.61
CA PRO B 115 34.76 18.09 15.75
C PRO B 115 34.77 17.64 17.21
N GLU B 116 35.77 18.07 17.96
CA GLU B 116 35.89 17.64 19.36
C GLU B 116 34.89 18.33 20.27
N ASN B 117 34.32 19.43 19.77
CA ASN B 117 33.31 20.17 20.51
C ASN B 117 31.86 19.90 20.07
N PHE B 118 31.70 19.17 18.96
CA PHE B 118 30.37 18.85 18.41
C PHE B 118 29.43 18.07 19.38
N PRO B 119 28.18 18.55 19.53
CA PRO B 119 27.11 17.91 20.33
C PRO B 119 26.66 16.50 19.89
N PHE B 120 27.18 15.49 20.56
CA PHE B 120 26.65 14.13 20.57
C PHE B 120 25.80 13.92 21.79
N VAL B 121 24.77 13.10 21.68
CA VAL B 121 24.07 12.62 22.88
C VAL B 121 23.92 11.12 22.77
N VAL B 122 23.99 10.44 23.92
CA VAL B 122 24.03 9.00 23.96
C VAL B 122 22.84 8.49 24.73
N LEU B 123 22.01 7.68 24.10
CA LEU B 123 20.88 7.12 24.81
C LEU B 123 21.05 5.63 25.05
N GLY B 124 20.95 5.24 26.30
CA GLY B 124 20.98 3.85 26.68
C GLY B 124 19.53 3.44 26.72
N ASN B 125 19.07 2.83 25.64
CA ASN B 125 17.67 2.49 25.47
C ASN B 125 17.27 1.14 26.13
N LYS B 126 15.96 1.03 26.43
CA LYS B 126 15.30 -0.24 26.84
C LYS B 126 15.48 -0.54 28.32
N ILE B 127 15.55 0.49 29.15
CA ILE B 127 15.73 0.31 30.60
C ILE B 127 14.46 -0.17 31.27
N ASP B 128 13.38 -0.30 30.50
CA ASP B 128 12.18 -0.89 31.03
C ASP B 128 12.39 -2.39 31.21
N PHE B 129 13.49 -2.91 30.66
CA PHE B 129 13.92 -4.32 30.86
C PHE B 129 14.88 -4.45 32.03
N GLU B 130 14.91 -5.62 32.65
CA GLU B 130 15.89 -5.91 33.69
C GLU B 130 17.19 -6.59 33.19
N ASN B 131 17.13 -7.40 32.11
CA ASN B 131 18.33 -8.06 31.53
C ASN B 131 19.52 -7.11 31.26
N ARG B 132 19.43 -5.88 31.74
CA ARG B 132 20.55 -4.97 31.78
C ARG B 132 21.88 -5.72 31.62
N GLN B 133 22.59 -5.47 30.54
CA GLN B 133 23.90 -6.09 30.40
C GLN B 133 25.05 -5.11 30.28
N VAL B 134 24.79 -3.92 29.76
CA VAL B 134 25.77 -2.83 29.90
C VAL B 134 25.52 -2.09 31.20
N ALA B 135 26.55 -1.99 32.03
CA ALA B 135 26.42 -1.26 33.29
C ALA B 135 26.21 0.23 33.03
N THR B 136 25.57 0.89 33.99
CA THR B 136 25.38 2.31 33.94
C THR B 136 26.71 3.04 34.09
N LYS B 137 27.50 2.67 35.08
CA LYS B 137 28.75 3.38 35.33
C LYS B 137 29.75 3.24 34.18
N ARG B 138 29.70 2.11 33.47
CA ARG B 138 30.58 1.93 32.31
C ARG B 138 30.18 2.87 31.20
N ALA B 139 28.88 2.94 30.95
CA ALA B 139 28.32 3.79 29.91
C ALA B 139 28.58 5.26 30.21
N GLN B 140 28.38 5.63 31.45
CA GLN B 140 28.69 6.96 31.90
C GLN B 140 30.15 7.23 31.62
N ALA B 141 31.00 6.22 31.83
CA ALA B 141 32.44 6.39 31.70
C ALA B 141 32.89 6.70 30.27
N TRP B 142 32.32 5.97 29.32
CA TRP B 142 32.64 6.12 27.92
C TRP B 142 32.25 7.51 27.49
N CYS B 143 31.00 7.87 27.78
CA CYS B 143 30.48 9.16 27.42
C CYS B 143 31.36 10.29 27.92
N TYR B 144 32.00 10.10 29.05
CA TYR B 144 32.79 11.18 29.59
C TYR B 144 34.17 11.26 28.90
N SER B 145 34.72 10.09 28.52
CA SER B 145 36.00 10.02 27.85
C SER B 145 35.93 10.62 26.44
N LYS B 146 34.78 11.18 26.09
CA LYS B 146 34.63 11.86 24.81
C LYS B 146 34.12 13.27 25.06
N ASN B 147 35.00 14.17 25.49
CA ASN B 147 34.63 15.56 25.82
C ASN B 147 33.25 15.64 26.48
N ASN B 148 33.00 14.69 27.38
CA ASN B 148 31.88 14.73 28.32
C ASN B 148 30.55 14.96 27.62
N ILE B 149 30.06 13.93 26.92
CA ILE B 149 28.72 14.01 26.30
C ILE B 149 27.60 13.50 27.22
N PRO B 150 26.41 14.10 27.10
CA PRO B 150 25.25 13.75 27.93
C PRO B 150 24.82 12.34 27.70
N TYR B 151 24.59 11.63 28.81
CA TYR B 151 24.08 10.29 28.76
C TYR B 151 22.68 10.24 29.41
N PHE B 152 21.73 9.64 28.71
CA PHE B 152 20.41 9.39 29.26
C PHE B 152 20.06 7.91 29.07
N GLU B 153 19.55 7.28 30.11
CA GLU B 153 19.01 5.94 29.95
C GLU B 153 17.52 6.06 29.64
N THR B 154 17.09 5.53 28.49
CA THR B 154 15.73 5.71 28.02
C THR B 154 14.93 4.41 27.85
N SER B 155 13.61 4.59 27.81
CA SER B 155 12.70 3.55 27.39
C SER B 155 11.73 4.16 26.41
N ALA B 156 11.74 3.65 25.19
CA ALA B 156 10.86 4.12 24.12
C ALA B 156 9.43 3.57 24.28
N LYS B 157 9.33 2.46 25.01
CA LYS B 157 8.07 1.85 25.30
C LYS B 157 7.38 2.59 26.43
N GLU B 158 8.03 2.64 27.59
CA GLU B 158 7.46 3.31 28.77
C GLU B 158 7.77 4.81 28.82
N ALA B 159 8.33 5.33 27.72
CA ALA B 159 8.61 6.77 27.58
C ALA B 159 9.51 7.39 28.68
N ILE B 160 10.36 6.58 29.30
CA ILE B 160 11.23 7.09 30.35
C ILE B 160 12.31 7.94 29.71
N ASN B 161 12.53 9.14 30.27
CA ASN B 161 13.63 10.03 29.85
C ASN B 161 13.67 10.39 28.39
N VAL B 162 12.63 10.10 27.63
CA VAL B 162 12.65 10.43 26.20
C VAL B 162 12.56 11.93 26.01
N GLU B 163 11.53 12.56 26.60
CA GLU B 163 11.34 13.99 26.46
C GLU B 163 12.51 14.75 27.09
N GLN B 164 12.98 14.30 28.24
CA GLN B 164 14.13 14.91 28.91
C GLN B 164 15.37 14.93 27.99
N ALA B 165 15.76 13.73 27.53
CA ALA B 165 16.92 13.57 26.63
C ALA B 165 16.77 14.51 25.46
N PHE B 166 15.55 14.58 24.92
CA PHE B 166 15.36 15.30 23.68
C PHE B 166 15.36 16.82 23.86
N GLN B 167 15.19 17.28 25.09
CA GLN B 167 15.41 18.69 25.42
C GLN B 167 16.90 19.06 25.44
N THR B 168 17.73 18.22 26.04
CA THR B 168 19.19 18.43 25.99
C THR B 168 19.73 18.42 24.55
N ILE B 169 19.26 17.48 23.75
CA ILE B 169 19.55 17.44 22.31
C ILE B 169 19.23 18.78 21.68
N ALA B 170 17.98 19.17 21.82
CA ALA B 170 17.50 20.40 21.24
C ALA B 170 18.42 21.53 21.67
N ARG B 171 18.83 21.53 22.93
CA ARG B 171 19.56 22.65 23.52
C ARG B 171 21.00 22.73 23.04
N ASN B 172 21.66 21.59 23.01
CA ASN B 172 23.07 21.55 22.62
C ASN B 172 23.20 21.80 21.13
N ALA B 173 22.25 21.22 20.39
CA ALA B 173 22.11 21.48 18.97
C ALA B 173 21.87 22.95 18.65
N LEU B 174 21.31 23.69 19.61
CA LEU B 174 21.03 25.11 19.40
C LEU B 174 22.28 25.96 19.58
N LYS B 175 23.04 25.66 20.64
CA LYS B 175 24.40 26.15 20.81
C LYS B 175 25.17 26.02 19.48
N GLN B 176 25.45 24.77 19.07
CA GLN B 176 26.15 24.49 17.82
C GLN B 176 25.70 25.38 16.65
N GLU B 177 24.39 25.48 16.45
CA GLU B 177 23.82 26.32 15.42
C GLU B 177 24.54 27.65 15.45
N THR B 178 24.53 28.29 16.63
CA THR B 178 25.22 29.57 16.84
C THR B 178 26.64 29.55 16.27
N GLU B 179 27.44 28.58 16.70
CA GLU B 179 28.85 28.45 16.29
C GLU B 179 29.04 28.36 14.75
N VAL B 180 28.13 27.67 14.07
CA VAL B 180 28.09 27.61 12.60
C VAL B 180 27.44 28.89 12.04
N LYS C 5 -39.05 -4.44 -21.68
CA LYS C 5 -37.98 -5.27 -21.04
C LYS C 5 -36.58 -4.73 -21.37
N LYS C 6 -35.70 -4.70 -20.38
CA LYS C 6 -34.49 -3.91 -20.51
C LYS C 6 -33.32 -4.76 -20.93
N VAL C 7 -32.27 -4.07 -21.38
CA VAL C 7 -31.12 -4.70 -22.02
C VAL C 7 -29.87 -4.25 -21.32
N LEU C 8 -29.08 -5.21 -20.85
CA LEU C 8 -27.78 -4.89 -20.24
C LEU C 8 -26.66 -4.78 -21.27
N LEU C 9 -26.06 -3.60 -21.36
CA LEU C 9 -24.91 -3.37 -22.24
C LEU C 9 -23.63 -3.07 -21.47
N LYS C 10 -22.53 -3.72 -21.84
CA LYS C 10 -21.22 -3.36 -21.28
C LYS C 10 -20.52 -2.38 -22.20
N VAL C 11 -20.09 -1.26 -21.62
CA VAL C 11 -19.43 -0.19 -22.33
C VAL C 11 -18.13 0.10 -21.57
N ILE C 12 -17.01 0.09 -22.28
CA ILE C 12 -15.70 0.33 -21.67
C ILE C 12 -15.03 1.59 -22.24
N ILE C 13 -14.36 2.36 -21.38
CA ILE C 13 -13.79 3.65 -21.76
C ILE C 13 -12.25 3.62 -21.70
N LEU C 14 -11.60 3.82 -22.84
CA LEU C 14 -10.14 3.73 -22.90
C LEU C 14 -9.50 5.06 -23.28
N GLY C 15 -8.30 5.30 -22.78
CA GLY C 15 -7.53 6.48 -23.17
C GLY C 15 -6.41 6.80 -22.21
N ASP C 16 -5.50 7.67 -22.60
CA ASP C 16 -4.32 7.91 -21.77
C ASP C 16 -4.74 8.47 -20.43
N SER C 17 -3.88 8.33 -19.43
CA SER C 17 -4.11 8.96 -18.14
C SER C 17 -4.26 10.48 -18.28
N GLY C 18 -5.33 11.05 -17.70
CA GLY C 18 -5.47 12.50 -17.60
C GLY C 18 -6.43 13.15 -18.58
N VAL C 19 -7.00 12.34 -19.47
CA VAL C 19 -7.77 12.87 -20.60
C VAL C 19 -9.19 13.25 -20.20
N GLY C 20 -9.65 12.69 -19.10
CA GLY C 20 -10.93 13.07 -18.55
C GLY C 20 -11.88 11.91 -18.61
N LYS C 21 -11.36 10.71 -18.54
CA LYS C 21 -12.20 9.53 -18.61
C LYS C 21 -13.16 9.47 -17.44
N THR C 22 -12.65 9.70 -16.25
CA THR C 22 -13.48 9.56 -15.05
C THR C 22 -14.52 10.68 -14.99
N SER C 23 -14.04 11.91 -15.12
CA SER C 23 -14.89 13.09 -15.25
C SER C 23 -16.06 12.90 -16.26
N LEU C 24 -15.77 12.31 -17.41
CA LEU C 24 -16.82 12.11 -18.38
C LEU C 24 -17.90 11.17 -17.86
N MET C 25 -17.44 10.15 -17.14
CA MET C 25 -18.31 9.13 -16.55
C MET C 25 -19.11 9.75 -15.40
N ASN C 26 -18.45 10.56 -14.60
CA ASN C 26 -19.14 11.22 -13.51
C ASN C 26 -20.11 12.30 -13.92
N GLN C 27 -19.75 13.05 -14.96
CA GLN C 27 -20.65 14.03 -15.53
C GLN C 27 -21.91 13.32 -16.02
N TYR C 28 -21.72 12.26 -16.79
CA TYR C 28 -22.83 11.51 -17.38
C TYR C 28 -23.69 10.74 -16.37
N VAL C 29 -23.07 10.08 -15.40
CA VAL C 29 -23.85 9.27 -14.48
C VAL C 29 -24.40 10.11 -13.36
N ASN C 30 -23.55 10.95 -12.79
CA ASN C 30 -23.87 11.69 -11.57
C ASN C 30 -24.02 13.22 -11.71
N LYS C 31 -23.91 13.73 -12.92
CA LYS C 31 -24.04 15.17 -13.17
C LYS C 31 -23.07 16.02 -12.30
N LYS C 32 -21.87 15.49 -12.08
CA LYS C 32 -20.87 16.14 -11.22
C LYS C 32 -19.48 16.21 -11.88
N PHE C 33 -18.80 17.32 -11.64
CA PHE C 33 -17.42 17.48 -12.06
C PHE C 33 -16.58 18.00 -10.90
N SER C 34 -15.36 17.49 -10.80
CA SER C 34 -14.47 17.83 -9.73
C SER C 34 -13.07 18.13 -10.29
N ASN C 35 -12.52 19.27 -9.89
CA ASN C 35 -11.22 19.69 -10.37
C ASN C 35 -10.10 18.81 -9.84
N GLN C 36 -10.21 18.43 -8.57
CA GLN C 36 -9.18 17.60 -7.93
C GLN C 36 -9.10 16.22 -8.56
N TYR C 37 -8.17 16.07 -9.51
CA TYR C 37 -7.91 14.79 -10.16
C TYR C 37 -7.52 13.73 -9.14
N LYS C 38 -8.06 12.53 -9.29
CA LYS C 38 -7.53 11.34 -8.62
C LYS C 38 -7.42 10.21 -9.64
N ALA C 39 -6.26 9.57 -9.70
CA ALA C 39 -6.00 8.45 -10.60
C ALA C 39 -6.93 7.26 -10.28
N THR C 40 -7.39 6.57 -11.32
CA THR C 40 -8.28 5.43 -11.14
C THR C 40 -7.49 4.25 -10.52
N ILE C 41 -7.64 4.09 -9.20
CA ILE C 41 -6.94 3.08 -8.38
C ILE C 41 -7.60 1.68 -8.49
N GLY C 42 -7.66 1.18 -9.72
CA GLY C 42 -8.35 -0.08 -10.03
C GLY C 42 -9.60 0.18 -10.87
N ALA C 43 -9.83 -0.69 -11.86
CA ALA C 43 -11.02 -0.59 -12.73
C ALA C 43 -12.32 -0.85 -11.96
N ASP C 44 -13.30 0.02 -12.16
CA ASP C 44 -14.64 -0.22 -11.63
C ASP C 44 -15.71 0.29 -12.59
N PHE C 45 -16.98 -0.05 -12.36
CA PHE C 45 -18.03 0.42 -13.24
C PHE C 45 -19.14 1.18 -12.54
N LEU C 46 -19.77 2.06 -13.30
CA LEU C 46 -21.00 2.74 -12.90
C LEU C 46 -22.13 2.37 -13.86
N THR C 47 -23.35 2.32 -13.34
CA THR C 47 -24.50 2.03 -14.16
C THR C 47 -25.41 3.23 -14.38
N LYS C 48 -25.88 3.34 -15.62
CA LYS C 48 -26.84 4.35 -16.01
C LYS C 48 -28.02 3.65 -16.65
N GLU C 49 -29.20 4.10 -16.29
CA GLU C 49 -30.40 3.63 -16.96
C GLU C 49 -30.78 4.64 -18.02
N VAL C 50 -31.02 4.16 -19.24
CA VAL C 50 -31.21 5.03 -20.38
C VAL C 50 -32.24 4.51 -21.37
N MET C 51 -32.96 5.45 -21.98
CA MET C 51 -33.89 5.18 -23.04
C MET C 51 -33.23 5.49 -24.37
N VAL C 52 -32.97 4.45 -25.15
CA VAL C 52 -32.53 4.58 -26.55
C VAL C 52 -33.57 3.90 -27.43
N ASP C 53 -34.08 4.65 -28.39
CA ASP C 53 -35.12 4.18 -29.29
C ASP C 53 -36.10 3.29 -28.59
N ASP C 54 -36.92 3.87 -27.72
CA ASP C 54 -38.03 3.15 -27.08
C ASP C 54 -37.58 1.93 -26.28
N ARG C 55 -36.29 1.72 -26.18
CA ARG C 55 -35.79 0.59 -25.41
C ARG C 55 -35.02 1.07 -24.19
N LEU C 56 -35.48 0.59 -23.03
CA LEU C 56 -34.84 0.82 -21.75
C LEU C 56 -33.55 0.04 -21.72
N VAL C 57 -32.48 0.69 -21.32
CA VAL C 57 -31.16 0.14 -21.50
C VAL C 57 -30.39 0.32 -20.22
N THR C 58 -29.73 -0.74 -19.79
CA THR C 58 -28.84 -0.62 -18.65
C THR C 58 -27.35 -0.53 -19.06
N MET C 59 -26.84 0.68 -19.08
CA MET C 59 -25.45 0.86 -19.40
C MET C 59 -24.59 0.67 -18.21
N GLN C 60 -23.68 -0.27 -18.37
CA GLN C 60 -22.66 -0.53 -17.38
C GLN C 60 -21.43 0.10 -18.01
N ILE C 61 -20.98 1.19 -17.42
CA ILE C 61 -19.80 1.87 -17.93
C ILE C 61 -18.58 1.53 -17.06
N TRP C 62 -17.60 0.85 -17.66
CA TRP C 62 -16.37 0.55 -16.93
C TRP C 62 -15.33 1.66 -17.09
N ASP C 63 -14.83 2.15 -15.96
CA ASP C 63 -13.72 3.11 -15.93
C ASP C 63 -12.39 2.38 -15.78
N THR C 64 -11.36 2.83 -16.50
CA THR C 64 -10.04 2.17 -16.50
C THR C 64 -8.90 3.11 -16.10
N ALA C 65 -7.67 2.60 -16.08
CA ALA C 65 -6.54 3.37 -15.60
C ALA C 65 -5.48 3.57 -16.68
N GLY C 66 -5.30 4.82 -17.10
CA GLY C 66 -4.28 5.21 -18.08
C GLY C 66 -2.85 4.84 -17.72
N GLN C 67 -2.41 5.23 -16.52
CA GLN C 67 -1.05 4.94 -16.08
C GLN C 67 -0.78 3.44 -16.19
N GLU C 68 0.45 3.09 -16.55
CA GLU C 68 0.86 1.69 -16.54
C GLU C 68 0.90 1.21 -15.09
N ARG C 69 1.20 2.12 -14.18
CA ARG C 69 1.26 1.82 -12.75
C ARG C 69 -0.12 1.48 -12.13
N PHE C 70 -1.18 1.49 -12.95
CA PHE C 70 -2.54 1.21 -12.47
C PHE C 70 -3.40 0.34 -13.38
N GLN C 71 -2.81 -0.11 -14.49
CA GLN C 71 -3.39 -1.18 -15.31
C GLN C 71 -2.60 -2.50 -15.11
N SER C 72 -3.32 -3.63 -15.12
CA SER C 72 -2.72 -4.92 -14.76
C SER C 72 -2.61 -5.94 -15.92
N LEU C 73 -1.82 -6.99 -15.70
CA LEU C 73 -1.99 -8.27 -16.37
C LEU C 73 -3.33 -8.85 -15.92
N GLY C 74 -4.42 -8.45 -16.58
CA GLY C 74 -5.79 -8.86 -16.20
C GLY C 74 -6.91 -8.03 -16.82
N VAL C 75 -7.57 -8.58 -17.85
CA VAL C 75 -8.52 -7.83 -18.67
C VAL C 75 -9.78 -8.64 -19.05
N ALA C 76 -10.17 -9.56 -18.15
CA ALA C 76 -11.36 -10.39 -18.37
C ALA C 76 -12.58 -9.52 -18.64
N PHE C 77 -12.67 -8.39 -17.93
CA PHE C 77 -13.82 -7.47 -18.07
C PHE C 77 -14.06 -6.97 -19.49
N TYR C 78 -12.97 -6.79 -20.25
CA TYR C 78 -12.99 -6.30 -21.64
C TYR C 78 -14.03 -7.05 -22.47
N ARG C 79 -14.13 -8.35 -22.24
CA ARG C 79 -15.02 -9.20 -23.02
C ARG C 79 -16.46 -8.97 -22.61
N GLY C 80 -17.36 -9.18 -23.55
CA GLY C 80 -18.77 -8.85 -23.37
C GLY C 80 -19.04 -7.43 -23.75
N ALA C 81 -17.99 -6.60 -23.76
CA ALA C 81 -18.12 -5.19 -24.06
C ALA C 81 -18.78 -5.04 -25.38
N ASP C 82 -19.78 -4.17 -25.43
CA ASP C 82 -20.59 -3.96 -26.62
C ASP C 82 -20.12 -2.73 -27.37
N CYS C 83 -19.51 -1.81 -26.64
CA CYS C 83 -18.97 -0.58 -27.21
C CYS C 83 -17.69 -0.14 -26.54
N CYS C 84 -16.84 0.53 -27.29
CA CYS C 84 -15.57 1.01 -26.78
C CYS C 84 -15.39 2.53 -26.98
N VAL C 85 -15.41 3.27 -25.88
CA VAL C 85 -15.19 4.71 -25.92
C VAL C 85 -13.70 4.99 -25.85
N LEU C 86 -13.22 5.77 -26.81
CA LEU C 86 -11.81 6.16 -26.85
C LEU C 86 -11.66 7.66 -26.66
N VAL C 87 -10.94 8.06 -25.62
CA VAL C 87 -10.90 9.46 -25.21
C VAL C 87 -9.53 10.06 -25.32
N PHE C 88 -9.48 11.31 -25.75
CA PHE C 88 -8.22 12.04 -25.78
C PHE C 88 -8.46 13.48 -25.39
N ASP C 89 -7.49 14.07 -24.69
CA ASP C 89 -7.42 15.51 -24.34
C ASP C 89 -7.18 16.27 -25.63
N VAL C 90 -7.95 17.32 -25.91
CA VAL C 90 -7.66 18.14 -27.08
C VAL C 90 -6.45 19.05 -26.89
N THR C 91 -5.92 19.10 -25.68
CA THR C 91 -4.81 19.98 -25.42
C THR C 91 -3.53 19.21 -25.26
N ALA C 92 -3.53 17.96 -25.72
CA ALA C 92 -2.39 17.08 -25.60
C ALA C 92 -2.28 16.19 -26.84
N PRO C 93 -1.45 16.59 -27.81
CA PRO C 93 -1.50 15.86 -29.07
C PRO C 93 -1.08 14.40 -28.90
N ASN C 94 -0.25 14.11 -27.90
CA ASN C 94 0.15 12.73 -27.68
C ASN C 94 -1.01 11.79 -27.37
N THR C 95 -2.01 12.30 -26.62
CA THR C 95 -3.15 11.46 -26.20
C THR C 95 -4.07 11.08 -27.35
N PHE C 96 -4.08 11.92 -28.39
CA PHE C 96 -4.70 11.59 -29.68
C PHE C 96 -3.83 10.59 -30.45
N LYS C 97 -2.51 10.81 -30.45
CA LYS C 97 -1.59 9.84 -31.08
C LYS C 97 -1.72 8.39 -30.57
N THR C 98 -2.24 8.18 -29.36
CA THR C 98 -2.29 6.84 -28.78
C THR C 98 -3.52 6.00 -29.17
N LEU C 99 -4.54 6.65 -29.73
CA LEU C 99 -5.83 5.99 -29.94
C LEU C 99 -5.71 4.64 -30.64
N ASP C 100 -4.97 4.60 -31.73
CA ASP C 100 -4.70 3.37 -32.44
C ASP C 100 -4.25 2.27 -31.47
N SER C 101 -3.28 2.58 -30.61
CA SER C 101 -2.81 1.63 -29.58
C SER C 101 -3.96 1.08 -28.74
N TRP C 102 -4.84 1.98 -28.29
CA TRP C 102 -6.02 1.56 -27.55
C TRP C 102 -6.97 0.70 -28.41
N ARG C 103 -7.31 1.19 -29.60
CA ARG C 103 -8.16 0.44 -30.53
C ARG C 103 -7.58 -0.95 -30.76
N ASP C 104 -6.32 -1.00 -31.20
CA ASP C 104 -5.62 -2.27 -31.40
C ASP C 104 -5.67 -3.15 -30.14
N GLU C 105 -5.49 -2.55 -28.97
CA GLU C 105 -5.45 -3.30 -27.70
C GLU C 105 -6.79 -3.93 -27.32
N PHE C 106 -7.86 -3.12 -27.30
CA PHE C 106 -9.19 -3.60 -27.02
C PHE C 106 -9.52 -4.80 -27.91
N LEU C 107 -9.27 -4.63 -29.22
CA LEU C 107 -9.58 -5.63 -30.23
C LEU C 107 -8.85 -6.94 -29.99
N ILE C 108 -7.66 -6.83 -29.41
CA ILE C 108 -6.85 -7.98 -29.03
C ILE C 108 -7.47 -8.61 -27.79
N GLN C 109 -7.71 -7.77 -26.80
CA GLN C 109 -8.01 -8.24 -25.47
C GLN C 109 -9.46 -8.68 -25.34
N ALA C 110 -10.22 -8.54 -26.41
CA ALA C 110 -11.66 -8.76 -26.35
C ALA C 110 -12.14 -9.58 -27.51
N SER C 111 -11.28 -9.69 -28.52
CA SER C 111 -11.52 -10.49 -29.72
C SER C 111 -12.99 -10.65 -30.08
N PRO C 112 -13.62 -9.53 -30.48
CA PRO C 112 -15.00 -9.59 -30.98
C PRO C 112 -15.04 -10.23 -32.37
N ARG C 113 -16.13 -10.94 -32.66
CA ARG C 113 -16.40 -11.30 -34.04
C ARG C 113 -16.77 -10.03 -34.81
N ASP C 114 -16.55 -10.07 -36.12
CA ASP C 114 -16.66 -8.88 -36.95
C ASP C 114 -15.99 -7.70 -36.23
N PRO C 115 -14.64 -7.70 -36.19
CA PRO C 115 -13.82 -6.75 -35.43
C PRO C 115 -13.82 -5.38 -36.05
N GLU C 116 -13.94 -5.34 -37.37
CA GLU C 116 -13.89 -4.09 -38.13
C GLU C 116 -15.25 -3.39 -38.23
N ASN C 117 -16.30 -4.04 -37.74
CA ASN C 117 -17.63 -3.43 -37.66
C ASN C 117 -18.01 -3.09 -36.21
N PHE C 118 -17.20 -3.54 -35.26
CA PHE C 118 -17.43 -3.28 -33.83
C PHE C 118 -17.41 -1.78 -33.52
N PRO C 119 -18.37 -1.32 -32.67
CA PRO C 119 -18.49 0.13 -32.43
C PRO C 119 -17.43 0.77 -31.51
N PHE C 120 -16.60 1.66 -32.06
CA PHE C 120 -15.78 2.57 -31.25
C PHE C 120 -16.39 3.97 -31.32
N VAL C 121 -16.30 4.70 -30.22
CA VAL C 121 -16.62 6.11 -30.24
C VAL C 121 -15.45 6.87 -29.70
N VAL C 122 -15.11 7.94 -30.41
CA VAL C 122 -13.98 8.77 -30.09
C VAL C 122 -14.45 10.11 -29.52
N LEU C 123 -13.95 10.39 -28.32
CA LEU C 123 -14.28 11.63 -27.63
C LEU C 123 -13.05 12.52 -27.48
N GLY C 124 -13.12 13.70 -28.09
CA GLY C 124 -12.06 14.68 -27.97
C GLY C 124 -12.37 15.56 -26.79
N ASN C 125 -12.02 15.12 -25.59
CA ASN C 125 -12.39 15.86 -24.40
C ASN C 125 -11.61 17.18 -24.15
N LYS C 126 -12.23 18.03 -23.34
CA LYS C 126 -11.62 19.20 -22.76
C LYS C 126 -11.70 20.40 -23.67
N ILE C 127 -12.73 20.43 -24.52
CA ILE C 127 -12.88 21.50 -25.53
C ILE C 127 -13.24 22.82 -24.88
N ASP C 128 -13.37 22.84 -23.57
CA ASP C 128 -13.72 24.08 -22.90
C ASP C 128 -12.48 24.92 -22.64
N PHE C 129 -11.30 24.34 -22.81
CA PHE C 129 -10.08 25.14 -22.88
C PHE C 129 -9.96 25.70 -24.28
N GLU C 130 -9.28 26.83 -24.40
CA GLU C 130 -9.10 27.42 -25.68
C GLU C 130 -7.84 26.87 -26.36
N ASN C 131 -6.95 26.29 -25.54
CA ASN C 131 -5.63 25.78 -25.98
C ASN C 131 -5.64 24.58 -26.91
N ARG C 132 -6.76 24.26 -27.54
CA ARG C 132 -6.82 23.05 -28.35
C ARG C 132 -5.64 22.99 -29.34
N GLN C 133 -4.82 21.95 -29.21
CA GLN C 133 -3.73 21.70 -30.13
C GLN C 133 -3.98 20.50 -31.06
N VAL C 134 -5.17 19.91 -30.94
CA VAL C 134 -5.65 18.90 -31.89
C VAL C 134 -6.88 19.38 -32.64
N ALA C 135 -6.76 19.39 -33.96
CA ALA C 135 -7.74 20.02 -34.84
C ALA C 135 -8.96 19.13 -34.99
N THR C 136 -10.15 19.73 -35.07
CA THR C 136 -11.36 18.99 -35.32
C THR C 136 -11.16 18.15 -36.57
N LYS C 137 -10.61 18.78 -37.60
CA LYS C 137 -10.44 18.17 -38.90
C LYS C 137 -9.43 17.03 -38.93
N ARG C 138 -8.43 17.07 -38.05
CA ARG C 138 -7.46 15.97 -37.91
C ARG C 138 -8.00 14.79 -37.08
N ALA C 139 -8.87 15.08 -36.13
CA ALA C 139 -9.51 14.01 -35.39
C ALA C 139 -10.61 13.41 -36.23
N GLN C 140 -11.25 14.24 -37.03
CA GLN C 140 -12.31 13.78 -37.92
C GLN C 140 -11.76 12.86 -39.00
N ALA C 141 -10.63 13.26 -39.60
CA ALA C 141 -10.00 12.51 -40.68
C ALA C 141 -9.59 11.09 -40.23
N TRP C 142 -9.07 10.99 -39.00
CA TRP C 142 -8.67 9.72 -38.44
C TRP C 142 -9.86 8.77 -38.25
N CYS C 143 -10.81 9.17 -37.40
CA CYS C 143 -12.06 8.43 -37.17
C CYS C 143 -12.66 7.88 -38.44
N TYR C 144 -12.64 8.69 -39.50
CA TYR C 144 -13.16 8.28 -40.77
C TYR C 144 -12.33 7.16 -41.39
N SER C 145 -11.02 7.26 -41.27
CA SER C 145 -10.10 6.23 -41.75
C SER C 145 -10.38 4.86 -41.09
N LYS C 146 -10.79 4.88 -39.83
CA LYS C 146 -11.03 3.64 -39.10
C LYS C 146 -12.51 3.27 -39.08
N ASN C 147 -13.09 3.04 -40.28
CA ASN C 147 -14.44 2.50 -40.45
C ASN C 147 -15.55 3.45 -40.00
N ASN C 148 -15.37 4.73 -40.34
CA ASN C 148 -16.34 5.79 -40.07
C ASN C 148 -16.98 5.73 -38.67
N ILE C 149 -16.15 5.84 -37.63
CA ILE C 149 -16.64 5.78 -36.24
C ILE C 149 -16.96 7.17 -35.75
N PRO C 150 -18.04 7.30 -34.98
CA PRO C 150 -18.48 8.62 -34.57
C PRO C 150 -17.41 9.40 -33.76
N TYR C 151 -17.34 10.71 -33.99
CA TYR C 151 -16.49 11.62 -33.27
C TYR C 151 -17.34 12.66 -32.56
N PHE C 152 -17.04 12.91 -31.28
CA PHE C 152 -17.67 14.01 -30.52
C PHE C 152 -16.62 14.81 -29.75
N GLU C 153 -16.81 16.12 -29.71
CA GLU C 153 -15.93 17.01 -28.95
C GLU C 153 -16.68 17.44 -27.70
N THR C 154 -16.17 17.03 -26.54
CA THR C 154 -16.94 17.07 -25.32
C THR C 154 -16.21 17.87 -24.25
N SER C 155 -16.96 18.40 -23.28
CA SER C 155 -16.39 18.99 -22.08
C SER C 155 -17.09 18.43 -20.84
N ALA C 156 -16.33 17.70 -20.03
CA ALA C 156 -16.83 17.08 -18.83
C ALA C 156 -17.04 18.12 -17.74
N LYS C 157 -16.24 19.17 -17.76
CA LYS C 157 -16.42 20.26 -16.82
C LYS C 157 -17.71 21.02 -17.11
N GLU C 158 -17.89 21.46 -18.35
CA GLU C 158 -19.03 22.31 -18.69
C GLU C 158 -20.23 21.49 -19.14
N ALA C 159 -20.10 20.15 -19.07
CA ALA C 159 -21.13 19.19 -19.56
C ALA C 159 -21.59 19.45 -21.00
N ILE C 160 -20.65 19.40 -21.93
CA ILE C 160 -20.93 19.69 -23.35
C ILE C 160 -20.90 18.41 -24.16
N ASN C 161 -21.87 18.26 -25.07
CA ASN C 161 -22.02 17.06 -25.89
C ASN C 161 -21.85 15.75 -25.14
N VAL C 162 -21.98 15.81 -23.80
CA VAL C 162 -21.82 14.62 -22.98
C VAL C 162 -23.02 13.70 -23.14
N GLU C 163 -24.23 14.23 -22.94
CA GLU C 163 -25.45 13.42 -23.04
C GLU C 163 -25.65 13.03 -24.48
N GLN C 164 -25.35 13.97 -25.37
CA GLN C 164 -25.39 13.69 -26.78
C GLN C 164 -24.42 12.52 -27.09
N ALA C 165 -23.14 12.68 -26.78
CA ALA C 165 -22.13 11.65 -27.07
C ALA C 165 -22.56 10.28 -26.59
N PHE C 166 -23.07 10.20 -25.36
CA PHE C 166 -23.45 8.91 -24.81
C PHE C 166 -24.72 8.30 -25.40
N GLN C 167 -25.60 9.12 -25.97
CA GLN C 167 -26.74 8.57 -26.66
C GLN C 167 -26.27 7.65 -27.81
N THR C 168 -25.32 8.16 -28.60
CA THR C 168 -24.68 7.39 -29.67
C THR C 168 -23.99 6.17 -29.10
N ILE C 169 -23.19 6.34 -28.05
CA ILE C 169 -22.53 5.18 -27.43
C ILE C 169 -23.56 4.09 -27.19
N ALA C 170 -24.69 4.48 -26.62
CA ALA C 170 -25.60 3.51 -26.08
C ALA C 170 -26.31 2.85 -27.22
N ARG C 171 -26.71 3.66 -28.20
CA ARG C 171 -27.31 3.17 -29.46
C ARG C 171 -26.38 2.17 -30.17
N ASN C 172 -25.12 2.57 -30.34
CA ASN C 172 -24.18 1.75 -31.05
C ASN C 172 -23.87 0.47 -30.26
N ALA C 173 -23.80 0.58 -28.95
CA ALA C 173 -23.70 -0.61 -28.13
C ALA C 173 -24.95 -1.51 -28.37
N LEU C 174 -26.13 -0.89 -28.43
CA LEU C 174 -27.37 -1.66 -28.59
C LEU C 174 -27.45 -2.34 -29.95
N LYS C 175 -26.98 -1.65 -30.98
CA LYS C 175 -26.88 -2.21 -32.31
C LYS C 175 -26.07 -3.50 -32.28
N GLN C 176 -24.91 -3.42 -31.61
CA GLN C 176 -23.96 -4.51 -31.51
C GLN C 176 -24.49 -5.70 -30.73
N GLU C 177 -25.04 -5.43 -29.55
CA GLU C 177 -25.67 -6.47 -28.77
C GLU C 177 -26.67 -7.17 -29.66
N THR C 178 -27.37 -6.39 -30.46
CA THR C 178 -28.35 -6.95 -31.38
C THR C 178 -27.71 -7.89 -32.42
N GLU C 179 -26.47 -7.61 -32.81
CA GLU C 179 -25.77 -8.44 -33.81
C GLU C 179 -25.47 -9.82 -33.26
N VAL C 180 -25.43 -9.96 -31.95
CA VAL C 180 -25.66 -11.30 -31.35
C VAL C 180 -27.14 -11.77 -31.60
N GLU C 181 -27.33 -12.36 -32.79
CA GLU C 181 -28.60 -12.86 -33.30
C GLU C 181 -29.54 -13.27 -32.18
N LYS D 5 7.92 -5.75 35.96
CA LYS D 5 9.17 -6.55 36.11
C LYS D 5 9.46 -7.42 34.87
N LYS D 6 9.76 -6.75 33.75
CA LYS D 6 9.87 -7.37 32.44
C LYS D 6 11.29 -7.78 32.06
N VAL D 7 11.39 -8.91 31.37
CA VAL D 7 12.65 -9.46 30.87
C VAL D 7 12.61 -9.65 29.35
N LEU D 8 13.75 -9.45 28.71
CA LEU D 8 13.87 -9.69 27.29
C LEU D 8 14.47 -11.06 27.07
N LEU D 9 13.78 -11.89 26.31
CA LEU D 9 14.32 -13.17 25.91
C LEU D 9 14.54 -13.23 24.43
N LYS D 10 15.78 -13.50 24.04
CA LYS D 10 16.13 -13.72 22.63
C LYS D 10 15.96 -15.17 22.28
N VAL D 11 15.02 -15.45 21.37
CA VAL D 11 14.74 -16.81 20.95
C VAL D 11 15.02 -16.99 19.47
N ILE D 12 15.86 -17.96 19.13
CA ILE D 12 16.14 -18.25 17.73
C ILE D 12 15.41 -19.53 17.27
N ILE D 13 15.03 -19.61 15.99
CA ILE D 13 14.39 -20.83 15.47
C ILE D 13 15.12 -21.34 14.24
N LEU D 14 15.52 -22.60 14.29
CA LEU D 14 16.42 -23.23 13.31
C LEU D 14 15.88 -24.57 12.76
N GLY D 15 16.34 -24.94 11.56
CA GLY D 15 15.87 -26.13 10.87
C GLY D 15 15.83 -25.94 9.35
N ASP D 16 15.91 -27.07 8.65
CA ASP D 16 15.87 -27.10 7.20
C ASP D 16 14.82 -26.19 6.63
N SER D 17 14.93 -25.93 5.33
CA SER D 17 13.95 -25.11 4.65
C SER D 17 12.64 -25.86 4.56
N GLY D 18 11.56 -25.18 4.88
CA GLY D 18 10.23 -25.73 4.67
C GLY D 18 9.71 -26.67 5.72
N VAL D 19 10.25 -26.58 6.94
CA VAL D 19 9.75 -27.37 8.06
C VAL D 19 8.57 -26.69 8.78
N GLY D 20 8.51 -25.36 8.67
CA GLY D 20 7.33 -24.63 9.13
C GLY D 20 7.70 -23.65 10.21
N LYS D 21 8.97 -23.25 10.19
CA LYS D 21 9.51 -22.32 11.15
C LYS D 21 8.72 -21.01 11.12
N THR D 22 8.61 -20.45 9.93
CA THR D 22 7.92 -19.18 9.72
C THR D 22 6.46 -19.35 10.15
N SER D 23 5.79 -20.35 9.60
CA SER D 23 4.41 -20.68 9.98
C SER D 23 4.23 -20.84 11.48
N LEU D 24 5.13 -21.57 12.13
CA LEU D 24 5.02 -21.74 13.58
C LEU D 24 5.04 -20.39 14.25
N MET D 25 6.02 -19.57 13.88
CA MET D 25 6.17 -18.25 14.49
C MET D 25 4.99 -17.30 14.25
N ASN D 26 4.44 -17.33 13.04
CA ASN D 26 3.29 -16.50 12.71
C ASN D 26 2.01 -16.94 13.41
N GLN D 27 1.89 -18.24 13.61
CA GLN D 27 0.82 -18.80 14.43
C GLN D 27 0.98 -18.37 15.89
N TYR D 28 2.21 -18.38 16.40
CA TYR D 28 2.38 -18.15 17.82
C TYR D 28 2.07 -16.71 18.14
N VAL D 29 2.65 -15.80 17.38
CA VAL D 29 2.48 -14.40 17.63
C VAL D 29 1.16 -13.91 17.11
N ASN D 30 0.87 -14.20 15.85
CA ASN D 30 -0.24 -13.59 15.15
C ASN D 30 -1.49 -14.47 15.05
N LYS D 31 -1.38 -15.70 15.52
CA LYS D 31 -2.49 -16.64 15.51
C LYS D 31 -3.08 -16.85 14.11
N LYS D 32 -2.18 -16.83 13.11
CA LYS D 32 -2.54 -16.85 11.70
C LYS D 32 -1.65 -17.81 10.93
N PHE D 33 -2.22 -18.42 9.90
CA PHE D 33 -1.51 -19.38 9.08
C PHE D 33 -1.96 -19.19 7.63
N SER D 34 -1.04 -19.32 6.68
CA SER D 34 -1.42 -19.39 5.28
C SER D 34 -0.65 -20.48 4.52
N ASN D 35 -1.16 -20.80 3.32
CA ASN D 35 -0.62 -21.89 2.49
C ASN D 35 0.62 -21.48 1.67
N GLN D 36 0.48 -20.41 0.89
CA GLN D 36 1.55 -19.87 0.03
C GLN D 36 2.96 -20.11 0.60
N TYR D 37 3.81 -20.77 -0.19
CA TYR D 37 5.09 -21.33 0.29
C TYR D 37 6.04 -20.33 0.95
N LYS D 38 5.91 -19.05 0.53
CA LYS D 38 6.76 -17.91 0.93
C LYS D 38 7.97 -18.22 1.80
N ALA D 39 9.13 -18.43 1.16
CA ALA D 39 10.38 -18.66 1.89
C ALA D 39 10.92 -17.36 2.52
N THR D 40 11.91 -17.51 3.40
CA THR D 40 12.44 -16.39 4.19
C THR D 40 13.71 -15.84 3.53
N ILE D 41 13.72 -14.52 3.29
CA ILE D 41 14.80 -13.87 2.51
C ILE D 41 16.12 -13.76 3.30
N GLY D 42 16.05 -13.86 4.63
CA GLY D 42 17.24 -13.83 5.48
C GLY D 42 16.96 -14.18 6.93
N ALA D 43 16.85 -13.15 7.78
CA ALA D 43 16.39 -13.28 9.17
C ALA D 43 15.74 -12.00 9.69
N ASP D 44 14.57 -12.17 10.32
CA ASP D 44 13.81 -11.05 10.90
C ASP D 44 13.27 -11.46 12.26
N PHE D 45 12.47 -10.61 12.89
CA PHE D 45 11.88 -10.99 14.16
C PHE D 45 10.49 -10.46 14.46
N LEU D 46 9.69 -11.30 15.09
CA LEU D 46 8.47 -10.86 15.74
C LEU D 46 8.65 -10.92 17.25
N THR D 47 8.16 -9.88 17.91
CA THR D 47 8.15 -9.85 19.36
C THR D 47 6.74 -10.24 19.87
N LYS D 48 6.70 -10.75 21.09
CA LYS D 48 5.44 -11.11 21.73
C LYS D 48 5.65 -11.19 23.24
N GLU D 49 4.63 -10.80 23.99
CA GLU D 49 4.72 -10.81 25.42
C GLU D 49 3.89 -11.91 26.04
N VAL D 50 4.47 -12.58 27.01
CA VAL D 50 3.84 -13.73 27.60
C VAL D 50 4.11 -13.75 29.11
N MET D 51 3.16 -14.28 29.88
CA MET D 51 3.33 -14.29 31.31
C MET D 51 3.83 -15.64 31.66
N VAL D 52 5.01 -15.70 32.25
CA VAL D 52 5.54 -16.97 32.71
C VAL D 52 5.61 -16.97 34.21
N ASP D 53 4.78 -17.82 34.83
CA ASP D 53 4.78 -18.02 36.28
C ASP D 53 4.83 -16.67 36.99
N ASP D 54 3.90 -15.79 36.62
CA ASP D 54 3.74 -14.48 37.26
C ASP D 54 4.93 -13.55 36.99
N ARG D 55 5.42 -13.59 35.77
CA ARG D 55 6.48 -12.70 35.30
C ARG D 55 6.22 -12.33 33.84
N LEU D 56 6.13 -11.03 33.57
CA LEU D 56 6.10 -10.53 32.21
C LEU D 56 7.44 -10.71 31.49
N VAL D 57 7.35 -11.09 30.23
CA VAL D 57 8.49 -11.57 29.48
C VAL D 57 8.24 -11.15 28.05
N THR D 58 9.26 -10.62 27.40
CA THR D 58 9.13 -10.28 26.00
C THR D 58 9.93 -11.25 25.16
N MET D 59 9.23 -12.07 24.39
CA MET D 59 9.87 -13.01 23.46
C MET D 59 10.16 -12.32 22.14
N GLN D 60 11.44 -12.09 21.90
CA GLN D 60 11.89 -11.70 20.60
C GLN D 60 12.17 -12.97 19.86
N ILE D 61 11.41 -13.21 18.80
CA ILE D 61 11.50 -14.48 18.09
C ILE D 61 12.12 -14.30 16.71
N TRP D 62 13.28 -14.95 16.55
CA TRP D 62 14.10 -14.78 15.37
C TRP D 62 13.85 -15.91 14.37
N ASP D 63 13.34 -15.53 13.20
CA ASP D 63 13.16 -16.46 12.10
C ASP D 63 14.34 -16.38 11.17
N THR D 64 14.81 -17.54 10.78
CA THR D 64 15.97 -17.63 9.91
C THR D 64 15.58 -18.28 8.57
N ALA D 65 16.35 -17.98 7.53
CA ALA D 65 16.23 -18.70 6.27
C ALA D 65 16.68 -20.16 6.46
N GLY D 66 15.90 -21.08 5.94
CA GLY D 66 16.31 -22.49 5.84
C GLY D 66 17.29 -22.78 4.71
N GLN D 67 16.93 -22.36 3.48
CA GLN D 67 17.71 -22.66 2.27
C GLN D 67 19.15 -22.20 2.39
N GLU D 68 20.05 -22.92 1.71
CA GLU D 68 21.50 -22.63 1.80
C GLU D 68 21.88 -21.34 1.04
N ARG D 69 21.06 -20.96 0.05
CA ARG D 69 21.28 -19.73 -0.73
C ARG D 69 20.82 -18.47 0.01
N PHE D 70 19.79 -18.64 0.85
CA PHE D 70 19.26 -17.55 1.67
C PHE D 70 19.79 -17.61 3.11
N GLN D 71 20.18 -18.81 3.56
CA GLN D 71 20.94 -18.97 4.81
C GLN D 71 22.40 -18.58 4.60
N SER D 72 22.72 -17.33 4.94
CA SER D 72 24.08 -16.83 4.83
C SER D 72 24.89 -17.13 6.11
N LEU D 73 24.93 -18.40 6.49
CA LEU D 73 25.65 -18.86 7.67
C LEU D 73 25.51 -17.91 8.86
N GLY D 74 26.63 -17.27 9.24
CA GLY D 74 26.66 -16.34 10.37
C GLY D 74 27.23 -14.99 10.00
N VAL D 75 26.63 -13.91 10.53
CA VAL D 75 25.47 -14.00 11.41
C VAL D 75 25.88 -13.95 12.88
N ALA D 76 25.90 -12.75 13.45
CA ALA D 76 26.29 -12.57 14.84
C ALA D 76 25.07 -12.53 15.76
N PHE D 77 23.89 -12.50 15.18
CA PHE D 77 22.65 -12.44 15.95
C PHE D 77 22.43 -13.70 16.81
N TYR D 78 23.23 -14.72 16.56
CA TYR D 78 23.20 -15.96 17.34
C TYR D 78 23.43 -15.69 18.81
N ARG D 79 24.23 -14.66 19.09
CA ARG D 79 24.69 -14.40 20.45
C ARG D 79 23.61 -13.72 21.30
N GLY D 80 23.65 -13.97 22.60
CA GLY D 80 22.63 -13.45 23.52
C GLY D 80 21.39 -14.30 23.54
N ALA D 81 21.25 -15.18 22.55
CA ALA D 81 20.10 -16.04 22.44
C ALA D 81 19.96 -16.89 23.68
N ASP D 82 18.78 -16.84 24.29
CA ASP D 82 18.52 -17.45 25.58
C ASP D 82 17.96 -18.85 25.43
N CYS D 83 17.33 -19.11 24.29
CA CYS D 83 16.79 -20.44 23.99
C CYS D 83 16.96 -20.70 22.51
N CYS D 84 17.03 -21.97 22.14
CA CYS D 84 17.12 -22.34 20.71
C CYS D 84 16.07 -23.37 20.27
N VAL D 85 15.12 -22.93 19.44
CA VAL D 85 14.08 -23.81 18.97
C VAL D 85 14.58 -24.49 17.72
N LEU D 86 14.62 -25.83 17.78
CA LEU D 86 15.00 -26.70 16.67
C LEU D 86 13.76 -27.36 16.09
N VAL D 87 13.61 -27.27 14.78
CA VAL D 87 12.35 -27.66 14.16
C VAL D 87 12.58 -28.67 13.05
N PHE D 88 11.67 -29.65 12.98
CA PHE D 88 11.69 -30.65 11.92
C PHE D 88 10.30 -31.05 11.49
N ASP D 89 10.22 -31.65 10.31
CA ASP D 89 8.98 -32.01 9.64
C ASP D 89 8.77 -33.52 9.83
N VAL D 90 7.80 -33.91 10.64
CA VAL D 90 7.52 -35.34 10.90
C VAL D 90 7.30 -36.16 9.61
N THR D 91 7.07 -35.48 8.49
CA THR D 91 6.87 -36.15 7.21
C THR D 91 8.16 -36.21 6.38
N ALA D 92 9.20 -35.49 6.80
CA ALA D 92 10.48 -35.46 6.09
C ALA D 92 11.64 -36.12 6.90
N PRO D 93 11.87 -37.42 6.68
CA PRO D 93 12.89 -38.07 7.48
C PRO D 93 14.22 -37.31 7.47
N ASN D 94 14.51 -36.69 6.33
CA ASN D 94 15.79 -36.02 6.09
C ASN D 94 16.02 -34.80 6.99
N THR D 95 14.94 -34.21 7.49
CA THR D 95 14.97 -33.02 8.36
C THR D 95 15.19 -33.35 9.83
N PHE D 96 14.78 -34.54 10.26
CA PHE D 96 15.09 -35.00 11.61
C PHE D 96 16.57 -35.32 11.70
N LYS D 97 17.10 -35.87 10.61
CA LYS D 97 18.52 -36.21 10.52
C LYS D 97 19.45 -35.00 10.70
N THR D 98 18.97 -33.80 10.37
CA THR D 98 19.83 -32.60 10.37
C THR D 98 19.96 -31.90 11.73
N LEU D 99 19.16 -32.32 12.69
CA LEU D 99 19.09 -31.64 13.99
C LEU D 99 20.45 -31.48 14.67
N ASP D 100 21.27 -32.53 14.65
CA ASP D 100 22.61 -32.46 15.20
C ASP D 100 23.45 -31.32 14.63
N SER D 101 23.53 -31.25 13.30
CA SER D 101 24.26 -30.18 12.56
C SER D 101 23.82 -28.81 13.03
N TRP D 102 22.50 -28.59 13.08
CA TRP D 102 21.94 -27.33 13.60
C TRP D 102 22.31 -27.11 15.05
N ARG D 103 22.09 -28.11 15.90
CA ARG D 103 22.40 -28.00 17.32
C ARG D 103 23.85 -27.58 17.57
N ASP D 104 24.79 -28.38 17.07
CA ASP D 104 26.21 -28.05 17.15
C ASP D 104 26.55 -26.71 16.52
N GLU D 105 26.04 -26.46 15.32
CA GLU D 105 26.29 -25.21 14.62
C GLU D 105 25.91 -24.02 15.50
N PHE D 106 24.72 -24.06 16.06
CA PHE D 106 24.25 -23.01 16.96
C PHE D 106 25.20 -22.84 18.16
N LEU D 107 25.53 -23.94 18.82
CA LEU D 107 26.40 -23.89 19.97
C LEU D 107 27.79 -23.39 19.58
N ILE D 108 28.15 -23.60 18.32
CA ILE D 108 29.40 -23.10 17.79
C ILE D 108 29.39 -21.58 17.74
N GLN D 109 28.28 -21.00 17.28
CA GLN D 109 28.18 -19.56 17.11
C GLN D 109 27.88 -18.82 18.40
N ALA D 110 26.97 -19.34 19.21
CA ALA D 110 26.58 -18.65 20.44
C ALA D 110 27.55 -18.92 21.58
N SER D 111 28.46 -19.87 21.36
CA SER D 111 29.43 -20.31 22.38
C SER D 111 29.05 -19.88 23.81
N PRO D 112 27.95 -20.42 24.34
CA PRO D 112 27.51 -19.96 25.65
C PRO D 112 28.13 -20.80 26.74
N ARG D 113 28.31 -20.23 27.93
CA ARG D 113 28.82 -21.00 29.06
C ARG D 113 27.85 -22.15 29.39
N ASP D 114 28.43 -23.28 29.81
CA ASP D 114 27.69 -24.53 30.05
C ASP D 114 26.80 -25.01 28.88
N PRO D 115 27.40 -25.16 27.69
CA PRO D 115 26.74 -25.53 26.44
C PRO D 115 25.62 -26.58 26.51
N GLU D 116 25.82 -27.67 27.23
CA GLU D 116 24.80 -28.73 27.18
C GLU D 116 23.67 -28.47 28.14
N ASN D 117 23.87 -27.51 29.02
CA ASN D 117 22.81 -27.05 29.90
C ASN D 117 21.96 -26.00 29.24
N PHE D 118 22.39 -25.53 28.09
CA PHE D 118 21.67 -24.47 27.39
C PHE D 118 20.35 -25.01 26.83
N PRO D 119 19.25 -24.26 27.03
CA PRO D 119 17.93 -24.73 26.73
C PRO D 119 17.62 -24.73 25.24
N PHE D 120 17.55 -25.92 24.68
CA PHE D 120 16.98 -26.12 23.35
C PHE D 120 15.54 -26.54 23.54
N VAL D 121 14.78 -26.49 22.47
CA VAL D 121 13.48 -27.11 22.41
C VAL D 121 13.31 -27.63 21.00
N VAL D 122 12.90 -28.88 20.87
CA VAL D 122 12.72 -29.47 19.57
C VAL D 122 11.25 -29.56 19.29
N LEU D 123 10.88 -29.13 18.08
CA LEU D 123 9.50 -29.29 17.64
C LEU D 123 9.40 -30.25 16.45
N GLY D 124 8.65 -31.34 16.64
CA GLY D 124 8.26 -32.21 15.54
C GLY D 124 6.98 -31.73 14.89
N ASN D 125 7.14 -30.86 13.91
CA ASN D 125 6.01 -30.12 13.33
C ASN D 125 5.33 -30.81 12.15
N LYS D 126 4.06 -30.44 11.94
CA LYS D 126 3.25 -30.85 10.79
C LYS D 126 2.38 -32.06 11.07
N ILE D 127 2.05 -32.28 12.35
CA ILE D 127 1.36 -33.50 12.72
C ILE D 127 -0.07 -33.51 12.25
N ASP D 128 -0.47 -32.49 11.49
CA ASP D 128 -1.81 -32.50 10.89
C ASP D 128 -1.94 -33.54 9.76
N PHE D 129 -0.81 -34.12 9.36
CA PHE D 129 -0.79 -35.16 8.31
C PHE D 129 -0.68 -36.57 8.93
N GLU D 130 -1.18 -37.60 8.22
CA GLU D 130 -0.87 -38.96 8.61
C GLU D 130 0.36 -39.57 7.92
N ASN D 131 0.83 -38.98 6.81
CA ASN D 131 2.07 -39.47 6.17
C ASN D 131 3.27 -39.30 7.08
N ARG D 132 3.05 -39.50 8.38
CA ARG D 132 4.12 -39.62 9.37
C ARG D 132 5.22 -40.52 8.85
N GLN D 133 6.48 -40.15 9.09
CA GLN D 133 7.61 -40.94 8.64
C GLN D 133 8.77 -40.87 9.62
N VAL D 134 8.65 -39.97 10.61
CA VAL D 134 9.54 -39.97 11.75
C VAL D 134 8.75 -40.36 12.98
N ALA D 135 9.11 -41.51 13.55
CA ALA D 135 8.42 -42.02 14.74
C ALA D 135 8.58 -41.07 15.92
N THR D 136 7.61 -41.09 16.81
CA THR D 136 7.65 -40.29 18.00
C THR D 136 8.76 -40.77 18.93
N LYS D 137 9.00 -42.08 18.98
CA LYS D 137 9.96 -42.62 19.93
C LYS D 137 11.39 -42.36 19.46
N ARG D 138 11.53 -42.13 18.17
CA ARG D 138 12.81 -41.82 17.55
C ARG D 138 13.16 -40.36 17.87
N ALA D 139 12.18 -39.47 17.69
CA ALA D 139 12.35 -38.07 18.06
C ALA D 139 12.61 -37.90 19.56
N GLN D 140 11.87 -38.62 20.38
CA GLN D 140 12.02 -38.51 21.82
C GLN D 140 13.39 -39.02 22.31
N ALA D 141 13.92 -40.03 21.65
CA ALA D 141 15.22 -40.59 21.99
C ALA D 141 16.34 -39.56 21.75
N TRP D 142 16.41 -39.03 20.53
CA TRP D 142 17.46 -38.04 20.18
C TRP D 142 17.45 -36.84 21.13
N CYS D 143 16.27 -36.28 21.39
CA CYS D 143 16.09 -35.23 22.35
C CYS D 143 16.64 -35.62 23.72
N TYR D 144 16.17 -36.75 24.26
CA TYR D 144 16.72 -37.20 25.53
C TYR D 144 18.24 -37.38 25.45
N SER D 145 18.71 -37.93 24.33
CA SER D 145 20.13 -38.20 24.15
C SER D 145 20.98 -36.94 24.24
N LYS D 146 20.35 -35.78 24.39
CA LYS D 146 21.11 -34.52 24.47
C LYS D 146 20.74 -33.72 25.71
N ASN D 147 21.11 -34.23 26.88
CA ASN D 147 20.76 -33.64 28.16
C ASN D 147 19.26 -33.34 28.30
N ASN D 148 18.42 -34.31 27.91
CA ASN D 148 16.97 -34.24 28.14
C ASN D 148 16.35 -32.90 27.75
N ILE D 149 16.18 -32.67 26.45
CA ILE D 149 15.62 -31.39 25.99
C ILE D 149 14.20 -31.52 25.48
N PRO D 150 13.31 -30.59 25.87
CA PRO D 150 11.85 -30.68 25.70
C PRO D 150 11.46 -30.95 24.27
N TYR D 151 10.54 -31.92 24.09
CA TYR D 151 10.04 -32.30 22.76
C TYR D 151 8.53 -32.06 22.60
N PHE D 152 8.13 -31.43 21.49
CA PHE D 152 6.70 -31.20 21.23
C PHE D 152 6.41 -31.48 19.80
N GLU D 153 5.33 -32.22 19.54
CA GLU D 153 4.88 -32.42 18.18
C GLU D 153 3.74 -31.43 17.93
N THR D 154 3.87 -30.61 16.90
CA THR D 154 3.08 -29.43 16.79
C THR D 154 2.38 -29.36 15.46
N SER D 155 1.28 -28.64 15.39
CA SER D 155 0.75 -28.27 14.10
C SER D 155 0.66 -26.76 13.99
N ALA D 156 1.34 -26.20 13.01
CA ALA D 156 1.37 -24.77 12.78
C ALA D 156 0.04 -24.29 12.18
N LYS D 157 -0.64 -25.20 11.50
CA LYS D 157 -1.78 -24.86 10.68
C LYS D 157 -2.99 -24.95 11.57
N GLU D 158 -3.07 -26.06 12.31
CA GLU D 158 -4.22 -26.37 13.15
C GLU D 158 -3.98 -25.83 14.54
N ALA D 159 -2.81 -25.20 14.71
CA ALA D 159 -2.30 -24.71 16.00
C ALA D 159 -2.46 -25.75 17.11
N ILE D 160 -1.70 -26.85 16.98
CA ILE D 160 -1.64 -27.85 18.02
C ILE D 160 -0.29 -27.74 18.73
N ASN D 161 -0.33 -27.74 20.07
CA ASN D 161 0.88 -27.63 20.90
C ASN D 161 1.78 -26.42 20.66
N VAL D 162 1.33 -25.45 19.87
CA VAL D 162 2.13 -24.22 19.69
C VAL D 162 2.31 -23.40 20.96
N GLU D 163 1.20 -23.01 21.60
CA GLU D 163 1.22 -22.15 22.79
C GLU D 163 1.93 -22.88 23.92
N GLN D 164 1.67 -24.18 24.04
CA GLN D 164 2.34 -24.97 25.04
C GLN D 164 3.85 -24.96 24.78
N ALA D 165 4.25 -25.30 23.55
CA ALA D 165 5.67 -25.33 23.23
C ALA D 165 6.37 -24.06 23.70
N PHE D 166 5.87 -22.91 23.26
CA PHE D 166 6.57 -21.64 23.52
C PHE D 166 6.55 -21.23 24.98
N GLN D 167 5.55 -21.75 25.70
CA GLN D 167 5.50 -21.64 27.14
C GLN D 167 6.69 -22.37 27.80
N THR D 168 7.04 -23.57 27.32
CA THR D 168 8.22 -24.29 27.82
C THR D 168 9.53 -23.58 27.43
N ILE D 169 9.60 -23.18 26.17
CA ILE D 169 10.68 -22.36 25.64
C ILE D 169 10.87 -21.10 26.51
N ALA D 170 9.80 -20.33 26.64
CA ALA D 170 9.81 -19.12 27.44
C ALA D 170 10.33 -19.40 28.85
N ARG D 171 9.81 -20.46 29.48
CA ARG D 171 10.13 -20.73 30.86
C ARG D 171 11.57 -21.19 31.01
N ASN D 172 12.03 -21.97 30.04
CA ASN D 172 13.40 -22.50 30.09
C ASN D 172 14.40 -21.40 29.84
N ALA D 173 14.06 -20.50 28.92
CA ALA D 173 14.85 -19.30 28.69
C ALA D 173 14.96 -18.47 29.96
N LEU D 174 13.89 -18.41 30.75
CA LEU D 174 13.90 -17.64 31.99
C LEU D 174 14.77 -18.27 33.09
N LYS D 175 14.91 -19.60 33.09
CA LYS D 175 15.86 -20.25 34.01
C LYS D 175 17.25 -19.95 33.52
N GLN D 176 17.40 -19.99 32.19
CA GLN D 176 18.64 -19.61 31.53
C GLN D 176 19.04 -18.26 32.08
N GLU D 177 18.28 -17.25 31.65
CA GLU D 177 18.59 -15.85 31.90
C GLU D 177 18.73 -15.54 33.40
N THR D 178 18.02 -16.29 34.24
CA THR D 178 18.18 -16.21 35.70
C THR D 178 19.54 -16.76 36.18
N GLU D 179 20.15 -17.66 35.42
CA GLU D 179 21.55 -18.05 35.66
C GLU D 179 22.60 -16.93 35.50
N VAL D 180 22.38 -15.98 34.59
CA VAL D 180 23.24 -14.79 34.50
C VAL D 180 22.50 -13.55 35.00
N LYS E 6 -36.62 -21.61 18.15
CA LYS E 6 -35.72 -20.88 17.21
C LYS E 6 -34.44 -21.63 16.91
N VAL E 7 -34.03 -21.60 15.65
CA VAL E 7 -32.80 -22.28 15.23
C VAL E 7 -31.92 -21.30 14.44
N LEU E 8 -30.63 -21.22 14.80
CA LEU E 8 -29.68 -20.37 14.09
C LEU E 8 -29.10 -21.04 12.87
N LEU E 9 -29.25 -20.40 11.72
CA LEU E 9 -28.80 -20.98 10.47
C LEU E 9 -27.83 -20.09 9.69
N LYS E 10 -26.62 -20.63 9.48
CA LYS E 10 -25.55 -19.97 8.75
C LYS E 10 -25.58 -20.32 7.27
N VAL E 11 -25.99 -19.36 6.47
CA VAL E 11 -25.97 -19.48 5.03
C VAL E 11 -24.88 -18.58 4.46
N ILE E 12 -24.06 -19.14 3.55
CA ILE E 12 -23.07 -18.29 2.86
C ILE E 12 -23.45 -18.18 1.41
N ILE E 13 -23.09 -17.07 0.78
CA ILE E 13 -23.36 -16.88 -0.61
C ILE E 13 -22.03 -16.76 -1.38
N LEU E 14 -21.87 -17.57 -2.42
CA LEU E 14 -20.62 -17.62 -3.22
C LEU E 14 -20.86 -17.34 -4.68
N GLY E 15 -19.84 -16.78 -5.31
CA GLY E 15 -19.88 -16.58 -6.75
C GLY E 15 -19.13 -15.34 -7.16
N ASP E 16 -19.00 -15.17 -8.48
CA ASP E 16 -18.14 -14.14 -9.07
C ASP E 16 -18.59 -12.68 -8.81
N SER E 17 -17.66 -11.74 -8.94
CA SER E 17 -17.97 -10.34 -8.72
C SER E 17 -18.89 -9.83 -9.80
N GLY E 18 -19.94 -9.13 -9.41
CA GLY E 18 -20.90 -8.62 -10.38
C GLY E 18 -22.14 -9.49 -10.57
N VAL E 19 -22.19 -10.66 -9.98
CA VAL E 19 -23.35 -11.50 -10.17
C VAL E 19 -24.61 -10.95 -9.45
N GLY E 20 -24.44 -10.10 -8.44
CA GLY E 20 -25.58 -9.62 -7.66
C GLY E 20 -25.75 -10.27 -6.29
N LYS E 21 -24.67 -10.86 -5.78
CA LYS E 21 -24.66 -11.49 -4.45
C LYS E 21 -25.20 -10.60 -3.36
N THR E 22 -24.65 -9.40 -3.25
CA THR E 22 -25.15 -8.38 -2.34
C THR E 22 -26.62 -8.05 -2.60
N SER E 23 -26.91 -7.66 -3.84
CA SER E 23 -28.25 -7.24 -4.24
C SER E 23 -29.33 -8.23 -3.85
N LEU E 24 -29.02 -9.52 -3.98
CA LEU E 24 -29.95 -10.56 -3.57
C LEU E 24 -30.14 -10.47 -2.07
N MET E 25 -29.04 -10.43 -1.34
CA MET E 25 -29.13 -10.32 0.09
C MET E 25 -29.96 -9.09 0.51
N ASN E 26 -29.64 -7.94 -0.07
CA ASN E 26 -30.30 -6.70 0.29
C ASN E 26 -31.77 -6.66 -0.09
N GLN E 27 -32.10 -7.33 -1.19
CA GLN E 27 -33.47 -7.43 -1.63
C GLN E 27 -34.23 -8.34 -0.68
N TYR E 28 -33.64 -9.49 -0.35
CA TYR E 28 -34.30 -10.46 0.53
C TYR E 28 -34.50 -9.89 1.93
N VAL E 29 -33.44 -9.37 2.53
CA VAL E 29 -33.52 -8.88 3.89
C VAL E 29 -34.22 -7.53 3.96
N ASN E 30 -33.65 -6.52 3.30
CA ASN E 30 -34.11 -5.15 3.44
C ASN E 30 -35.14 -4.70 2.41
N LYS E 31 -35.32 -5.51 1.37
CA LYS E 31 -36.26 -5.12 0.32
C LYS E 31 -35.73 -3.90 -0.47
N LYS E 32 -34.43 -3.63 -0.40
CA LYS E 32 -33.82 -2.54 -1.15
C LYS E 32 -33.06 -3.04 -2.37
N PHE E 33 -32.95 -2.19 -3.39
CA PHE E 33 -32.06 -2.43 -4.51
C PHE E 33 -31.43 -1.13 -5.02
N SER E 34 -30.11 -1.13 -5.15
CA SER E 34 -29.37 0.05 -5.57
C SER E 34 -28.56 -0.26 -6.82
N ASN E 35 -28.64 0.63 -7.80
CA ASN E 35 -27.85 0.45 -9.03
C ASN E 35 -26.35 0.58 -8.83
N GLN E 36 -25.95 1.50 -7.93
CA GLN E 36 -24.53 1.76 -7.65
C GLN E 36 -23.85 0.50 -7.15
N TYR E 37 -22.98 -0.07 -7.99
CA TYR E 37 -22.16 -1.20 -7.59
C TYR E 37 -21.04 -0.77 -6.62
N LYS E 38 -21.03 -1.38 -5.44
CA LYS E 38 -19.89 -1.26 -4.53
C LYS E 38 -19.25 -2.63 -4.39
N ALA E 39 -17.97 -2.67 -4.06
CA ALA E 39 -17.24 -3.93 -4.00
C ALA E 39 -17.09 -4.44 -2.57
N THR E 40 -17.91 -5.43 -2.21
CA THR E 40 -17.81 -6.17 -0.94
C THR E 40 -16.35 -6.38 -0.49
N ILE E 41 -16.04 -5.99 0.74
CA ILE E 41 -14.78 -6.38 1.40
C ILE E 41 -15.11 -7.51 2.40
N GLY E 42 -14.11 -8.36 2.68
CA GLY E 42 -14.24 -9.52 3.60
C GLY E 42 -15.59 -9.76 4.26
N ALA E 43 -16.11 -10.98 4.11
CA ALA E 43 -17.49 -11.35 4.46
C ALA E 43 -18.14 -10.65 5.67
N ASP E 44 -19.37 -10.17 5.46
CA ASP E 44 -20.22 -9.67 6.56
C ASP E 44 -21.64 -10.15 6.35
N PHE E 45 -22.33 -10.44 7.45
CA PHE E 45 -23.63 -11.09 7.38
C PHE E 45 -24.81 -10.14 7.58
N LEU E 46 -26.01 -10.56 7.18
CA LEU E 46 -27.24 -9.92 7.66
C LEU E 46 -28.18 -10.97 8.26
N THR E 47 -28.98 -10.60 9.24
CA THR E 47 -29.87 -11.59 9.79
C THR E 47 -31.29 -11.41 9.30
N LYS E 48 -31.93 -12.53 8.96
CA LYS E 48 -33.38 -12.57 8.76
C LYS E 48 -34.01 -13.69 9.60
N GLU E 49 -35.07 -13.35 10.29
CA GLU E 49 -35.83 -14.36 10.97
C GLU E 49 -36.94 -14.82 10.03
N VAL E 50 -37.11 -16.13 9.92
CA VAL E 50 -38.05 -16.70 8.96
C VAL E 50 -38.82 -17.93 9.50
N MET E 51 -39.98 -18.20 8.92
CA MET E 51 -40.82 -19.31 9.35
C MET E 51 -40.77 -20.43 8.32
N VAL E 52 -40.26 -21.59 8.74
CA VAL E 52 -40.13 -22.77 7.87
C VAL E 52 -40.84 -23.98 8.49
N ASP E 53 -41.87 -24.47 7.81
CA ASP E 53 -42.57 -25.67 8.25
C ASP E 53 -42.65 -25.71 9.78
N ASP E 54 -43.46 -24.82 10.37
CA ASP E 54 -43.76 -24.86 11.84
C ASP E 54 -42.61 -24.46 12.79
N ARG E 55 -41.52 -23.92 12.22
CA ARG E 55 -40.27 -23.71 12.99
C ARG E 55 -39.63 -22.36 12.67
N LEU E 56 -39.63 -21.47 13.65
CA LEU E 56 -39.08 -20.13 13.47
C LEU E 56 -37.56 -20.23 13.39
N VAL E 57 -36.99 -19.65 12.35
CA VAL E 57 -35.59 -19.82 12.05
C VAL E 57 -34.93 -18.48 11.90
N THR E 58 -33.80 -18.30 12.58
CA THR E 58 -32.96 -17.17 12.35
C THR E 58 -31.92 -17.54 11.30
N MET E 59 -31.92 -16.82 10.20
CA MET E 59 -30.97 -17.06 9.13
C MET E 59 -29.90 -16.02 9.19
N GLN E 60 -28.67 -16.49 9.33
CA GLN E 60 -27.48 -15.63 9.23
C GLN E 60 -26.95 -15.76 7.82
N ILE E 61 -27.11 -14.70 7.02
CA ILE E 61 -26.64 -14.70 5.62
C ILE E 61 -25.27 -14.00 5.43
N TRP E 62 -24.27 -14.75 4.96
CA TRP E 62 -22.93 -14.21 4.78
C TRP E 62 -22.66 -13.81 3.34
N ASP E 63 -22.34 -12.54 3.13
CA ASP E 63 -22.00 -12.07 1.80
C ASP E 63 -20.50 -11.81 1.65
N THR E 64 -19.94 -12.29 0.55
CA THR E 64 -18.50 -12.29 0.30
C THR E 64 -18.18 -11.53 -1.00
N ALA E 65 -16.93 -11.17 -1.19
CA ALA E 65 -16.52 -10.51 -2.43
C ALA E 65 -16.05 -11.52 -3.48
N GLY E 66 -16.45 -11.31 -4.73
CA GLY E 66 -15.92 -12.10 -5.84
C GLY E 66 -14.46 -11.80 -6.16
N GLN E 67 -14.15 -10.52 -6.32
CA GLN E 67 -12.80 -10.06 -6.65
C GLN E 67 -11.77 -10.62 -5.68
N GLU E 68 -10.57 -10.91 -6.20
CA GLU E 68 -9.58 -11.66 -5.45
C GLU E 68 -8.84 -10.76 -4.47
N ARG E 69 -8.85 -9.45 -4.74
CA ARG E 69 -8.26 -8.47 -3.81
C ARG E 69 -8.97 -8.53 -2.44
N PHE E 70 -10.28 -8.24 -2.44
CA PHE E 70 -11.10 -8.33 -1.22
C PHE E 70 -11.47 -9.79 -0.92
N GLN E 71 -10.50 -10.52 -0.37
CA GLN E 71 -10.54 -11.98 -0.30
C GLN E 71 -9.19 -12.50 0.24
N SER E 72 -8.94 -12.25 1.53
CA SER E 72 -7.68 -12.65 2.15
C SER E 72 -7.64 -12.38 3.66
N LEU E 73 -7.38 -13.41 4.47
CA LEU E 73 -7.46 -14.83 4.11
C LEU E 73 -7.19 -15.72 5.33
N GLY E 74 -8.09 -15.59 6.31
CA GLY E 74 -8.32 -16.63 7.29
C GLY E 74 -9.78 -17.03 7.18
N VAL E 75 -10.29 -17.08 5.95
CA VAL E 75 -11.72 -17.34 5.69
C VAL E 75 -12.14 -18.71 6.22
N ALA E 76 -12.50 -18.72 7.50
CA ALA E 76 -12.95 -19.91 8.20
C ALA E 76 -14.33 -19.65 8.80
N PHE E 77 -15.08 -18.76 8.16
CA PHE E 77 -16.51 -18.63 8.41
C PHE E 77 -17.28 -19.68 7.60
N TYR E 78 -16.61 -20.20 6.56
CA TYR E 78 -17.08 -21.37 5.83
C TYR E 78 -17.58 -22.46 6.78
N ARG E 79 -16.96 -22.57 7.95
CA ARG E 79 -17.16 -23.73 8.82
C ARG E 79 -18.38 -23.61 9.74
N GLY E 80 -19.12 -24.71 9.87
CA GLY E 80 -20.39 -24.71 10.59
C GLY E 80 -21.58 -24.26 9.75
N ALA E 81 -21.30 -23.73 8.56
CA ALA E 81 -22.33 -23.26 7.65
C ALA E 81 -23.28 -24.37 7.22
N ASP E 82 -24.56 -24.03 7.09
CA ASP E 82 -25.63 -25.03 6.94
C ASP E 82 -26.17 -25.15 5.53
N CYS E 83 -25.89 -24.16 4.70
CA CYS E 83 -26.31 -24.18 3.30
C CYS E 83 -25.41 -23.27 2.54
N CYS E 84 -25.15 -23.64 1.29
CA CYS E 84 -24.31 -22.84 0.40
C CYS E 84 -25.04 -22.39 -0.84
N VAL E 85 -25.07 -21.07 -1.03
CA VAL E 85 -25.77 -20.48 -2.16
C VAL E 85 -24.79 -19.99 -3.23
N LEU E 86 -24.82 -20.65 -4.38
CA LEU E 86 -23.97 -20.31 -5.51
C LEU E 86 -24.75 -19.42 -6.47
N VAL E 87 -24.17 -18.26 -6.83
CA VAL E 87 -24.83 -17.32 -7.78
C VAL E 87 -24.04 -17.08 -9.07
N PHE E 88 -24.78 -16.84 -10.13
CA PHE E 88 -24.21 -16.49 -11.41
C PHE E 88 -25.12 -15.51 -12.12
N ASP E 89 -24.49 -14.67 -12.93
CA ASP E 89 -25.15 -13.77 -13.83
C ASP E 89 -25.57 -14.57 -15.08
N VAL E 90 -26.84 -14.48 -15.46
CA VAL E 90 -27.32 -15.14 -16.69
C VAL E 90 -26.95 -14.38 -17.97
N THR E 91 -26.37 -13.18 -17.83
CA THR E 91 -25.88 -12.45 -18.99
C THR E 91 -24.39 -12.72 -19.20
N ALA E 92 -23.77 -13.38 -18.21
CA ALA E 92 -22.34 -13.72 -18.24
C ALA E 92 -22.05 -15.24 -18.05
N PRO E 93 -21.68 -15.93 -19.14
CA PRO E 93 -21.42 -17.36 -19.08
C PRO E 93 -20.21 -17.75 -18.22
N ASN E 94 -19.23 -16.85 -18.10
CA ASN E 94 -18.04 -17.14 -17.28
C ASN E 94 -18.39 -17.38 -15.81
N THR E 95 -19.43 -16.67 -15.36
CA THR E 95 -19.85 -16.70 -13.97
C THR E 95 -20.61 -17.99 -13.70
N PHE E 96 -21.14 -18.59 -14.77
CA PHE E 96 -21.74 -19.93 -14.71
C PHE E 96 -20.67 -21.00 -14.80
N LYS E 97 -19.61 -20.72 -15.53
CA LYS E 97 -18.55 -21.68 -15.73
C LYS E 97 -17.72 -21.88 -14.48
N THR E 98 -17.81 -20.95 -13.54
CA THR E 98 -16.99 -20.96 -12.33
C THR E 98 -17.56 -21.86 -11.24
N LEU E 99 -18.78 -22.31 -11.44
CA LEU E 99 -19.58 -22.92 -10.37
C LEU E 99 -18.98 -24.17 -9.74
N ASP E 100 -18.33 -25.01 -10.53
CA ASP E 100 -17.55 -26.14 -9.99
C ASP E 100 -16.43 -25.65 -9.08
N SER E 101 -15.70 -24.64 -9.56
CA SER E 101 -14.65 -24.01 -8.77
C SER E 101 -15.19 -23.49 -7.46
N TRP E 102 -16.37 -22.88 -7.51
CA TRP E 102 -16.97 -22.35 -6.29
C TRP E 102 -17.44 -23.47 -5.39
N ARG E 103 -17.88 -24.57 -6.00
CA ARG E 103 -18.34 -25.71 -5.25
C ARG E 103 -17.14 -26.42 -4.64
N ASP E 104 -16.15 -26.78 -5.48
CA ASP E 104 -14.97 -27.51 -5.01
C ASP E 104 -14.39 -26.90 -3.74
N GLU E 105 -13.99 -25.63 -3.81
CA GLU E 105 -13.64 -24.89 -2.61
C GLU E 105 -14.92 -24.71 -1.86
N PHE E 106 -14.84 -24.91 -0.56
CA PHE E 106 -16.02 -24.91 0.30
C PHE E 106 -16.19 -26.29 0.84
N LEU E 107 -16.59 -27.23 -0.01
CA LEU E 107 -16.59 -28.61 0.41
C LEU E 107 -15.20 -28.88 0.94
N ILE E 108 -14.23 -28.19 0.33
CA ILE E 108 -12.85 -28.21 0.75
C ILE E 108 -12.69 -27.54 2.10
N GLN E 109 -13.23 -26.32 2.22
CA GLN E 109 -13.08 -25.49 3.41
C GLN E 109 -14.06 -25.88 4.53
N ALA E 110 -15.34 -26.03 4.18
CA ALA E 110 -16.35 -26.41 5.15
C ALA E 110 -16.13 -27.82 5.65
N SER E 111 -15.48 -28.63 4.82
CA SER E 111 -15.17 -30.02 5.17
C SER E 111 -16.30 -30.61 6.02
N PRO E 112 -17.50 -30.77 5.41
CA PRO E 112 -18.72 -31.19 6.10
C PRO E 112 -18.92 -32.68 6.06
N ARG E 113 -19.60 -33.20 7.09
CA ARG E 113 -19.94 -34.61 7.14
C ARG E 113 -20.74 -34.96 5.89
N ASP E 114 -20.24 -35.93 5.12
CA ASP E 114 -20.79 -36.27 3.81
C ASP E 114 -20.98 -35.03 2.91
N PRO E 115 -19.89 -34.55 2.29
CA PRO E 115 -19.99 -33.42 1.35
C PRO E 115 -20.97 -33.68 0.22
N GLU E 116 -21.20 -34.95 -0.11
CA GLU E 116 -22.06 -35.33 -1.24
C GLU E 116 -23.52 -34.98 -1.02
N ASN E 117 -23.92 -34.86 0.23
CA ASN E 117 -25.27 -34.44 0.53
C ASN E 117 -25.48 -33.01 1.01
N PHE E 118 -24.40 -32.24 1.11
CA PHE E 118 -24.54 -30.86 1.55
C PHE E 118 -25.55 -30.11 0.67
N PRO E 119 -26.46 -29.36 1.31
CA PRO E 119 -27.42 -28.60 0.53
C PRO E 119 -26.79 -27.40 -0.16
N PHE E 120 -26.69 -27.48 -1.48
CA PHE E 120 -26.34 -26.32 -2.28
C PHE E 120 -27.60 -25.78 -2.92
N VAL E 121 -27.61 -24.49 -3.22
CA VAL E 121 -28.64 -23.92 -4.07
C VAL E 121 -27.97 -23.01 -5.08
N VAL E 122 -28.43 -23.07 -6.32
CA VAL E 122 -27.86 -22.25 -7.40
C VAL E 122 -28.88 -21.18 -7.78
N LEU E 123 -28.44 -19.93 -7.79
CA LEU E 123 -29.32 -18.86 -8.23
C LEU E 123 -28.88 -18.32 -9.58
N GLY E 124 -29.80 -18.31 -10.53
CA GLY E 124 -29.55 -17.80 -11.86
C GLY E 124 -30.08 -16.39 -11.90
N ASN E 125 -29.18 -15.43 -11.71
CA ASN E 125 -29.60 -14.08 -11.38
C ASN E 125 -29.59 -13.08 -12.52
N LYS E 126 -30.47 -12.09 -12.41
CA LYS E 126 -30.63 -11.03 -13.41
C LYS E 126 -31.50 -11.46 -14.58
N ILE E 127 -32.66 -12.04 -14.31
CA ILE E 127 -33.52 -12.46 -15.43
C ILE E 127 -34.39 -11.32 -15.90
N ASP E 128 -34.25 -10.17 -15.27
CA ASP E 128 -35.00 -9.01 -15.70
C ASP E 128 -34.42 -8.43 -17.01
N PHE E 129 -33.18 -8.82 -17.34
CA PHE E 129 -32.62 -8.49 -18.64
C PHE E 129 -33.14 -9.41 -19.70
N GLU E 130 -33.22 -8.92 -20.94
CA GLU E 130 -33.55 -9.79 -22.07
C GLU E 130 -32.35 -10.60 -22.57
N ASN E 131 -31.17 -9.99 -22.62
CA ASN E 131 -30.02 -10.62 -23.24
C ASN E 131 -29.28 -11.55 -22.30
N ARG E 132 -29.88 -12.70 -22.02
CA ARG E 132 -29.18 -13.78 -21.32
C ARG E 132 -28.35 -14.61 -22.30
N GLN E 133 -27.17 -15.06 -21.85
CA GLN E 133 -26.32 -15.90 -22.67
C GLN E 133 -26.22 -17.35 -22.17
N VAL E 134 -26.87 -17.63 -21.04
CA VAL E 134 -26.93 -18.98 -20.49
C VAL E 134 -28.39 -19.43 -20.49
N ALA E 135 -28.68 -20.56 -21.13
CA ALA E 135 -30.07 -21.08 -21.20
C ALA E 135 -30.52 -21.74 -19.89
N THR E 136 -31.81 -21.65 -19.58
CA THR E 136 -32.39 -22.36 -18.44
C THR E 136 -32.00 -23.85 -18.46
N LYS E 137 -32.50 -24.57 -19.46
CA LYS E 137 -32.19 -25.99 -19.73
C LYS E 137 -30.71 -26.38 -19.47
N ARG E 138 -29.79 -25.44 -19.68
CA ARG E 138 -28.34 -25.70 -19.57
C ARG E 138 -27.84 -25.66 -18.12
N ALA E 139 -28.36 -24.73 -17.33
CA ALA E 139 -28.07 -24.67 -15.92
C ALA E 139 -28.79 -25.79 -15.20
N GLN E 140 -30.03 -26.01 -15.62
CA GLN E 140 -30.94 -27.01 -15.05
C GLN E 140 -30.34 -28.39 -15.17
N ALA E 141 -29.41 -28.54 -16.13
CA ALA E 141 -28.66 -29.77 -16.29
C ALA E 141 -27.56 -29.88 -15.26
N TRP E 142 -26.67 -28.88 -15.24
CA TRP E 142 -25.55 -28.90 -14.32
C TRP E 142 -26.03 -29.20 -12.90
N CYS E 143 -26.96 -28.39 -12.42
CA CYS E 143 -27.57 -28.62 -11.11
C CYS E 143 -27.97 -30.08 -10.93
N TYR E 144 -28.51 -30.70 -11.97
CA TYR E 144 -28.88 -32.11 -11.87
C TYR E 144 -27.64 -32.98 -11.75
N SER E 145 -26.64 -32.71 -12.59
CA SER E 145 -25.36 -33.45 -12.58
C SER E 145 -24.66 -33.38 -11.22
N LYS E 146 -25.26 -32.68 -10.27
CA LYS E 146 -24.63 -32.48 -8.99
C LYS E 146 -25.65 -32.66 -7.85
N ASN E 147 -26.00 -33.91 -7.58
CA ASN E 147 -26.88 -34.27 -6.46
C ASN E 147 -28.26 -33.60 -6.48
N ASN E 148 -28.75 -33.33 -7.69
CA ASN E 148 -30.07 -32.74 -7.92
C ASN E 148 -30.37 -31.53 -7.01
N ILE E 149 -29.43 -30.60 -6.99
CA ILE E 149 -29.53 -29.44 -6.12
C ILE E 149 -30.40 -28.36 -6.75
N PRO E 150 -31.29 -27.74 -5.96
CA PRO E 150 -32.32 -26.84 -6.48
C PRO E 150 -31.78 -25.70 -7.33
N TYR E 151 -32.58 -25.28 -8.30
CA TYR E 151 -32.20 -24.21 -9.19
C TYR E 151 -33.29 -23.13 -9.36
N PHE E 152 -32.87 -21.88 -9.22
CA PHE E 152 -33.77 -20.73 -9.25
C PHE E 152 -33.21 -19.64 -10.12
N GLU E 153 -34.09 -18.99 -10.85
CA GLU E 153 -33.71 -17.91 -11.72
C GLU E 153 -34.33 -16.68 -11.10
N THR E 154 -33.47 -15.79 -10.62
CA THR E 154 -33.92 -14.66 -9.82
C THR E 154 -33.61 -13.32 -10.46
N SER E 155 -34.26 -12.30 -9.94
CA SER E 155 -33.88 -10.91 -10.19
C SER E 155 -33.85 -10.15 -8.89
N ALA E 156 -32.64 -9.79 -8.45
CA ALA E 156 -32.47 -8.95 -7.29
C ALA E 156 -33.16 -7.58 -7.43
N LYS E 157 -33.38 -7.16 -8.66
CA LYS E 157 -33.94 -5.83 -8.90
C LYS E 157 -35.46 -5.78 -8.73
N GLU E 158 -36.15 -6.70 -9.40
CA GLU E 158 -37.61 -6.73 -9.44
C GLU E 158 -38.17 -7.74 -8.43
N ALA E 159 -37.29 -8.25 -7.57
CA ALA E 159 -37.64 -9.21 -6.52
C ALA E 159 -38.12 -10.59 -7.04
N ILE E 160 -38.01 -10.83 -8.34
CA ILE E 160 -38.51 -12.07 -8.91
C ILE E 160 -37.81 -13.27 -8.25
N ASN E 161 -38.59 -14.14 -7.61
CA ASN E 161 -38.10 -15.44 -7.13
C ASN E 161 -37.19 -15.39 -5.90
N VAL E 162 -36.80 -14.19 -5.50
CA VAL E 162 -35.95 -13.99 -4.33
C VAL E 162 -36.54 -14.62 -3.06
N GLU E 163 -37.85 -14.43 -2.86
CA GLU E 163 -38.55 -14.96 -1.69
C GLU E 163 -38.65 -16.46 -1.79
N GLN E 164 -39.10 -16.92 -2.96
CA GLN E 164 -39.30 -18.33 -3.21
C GLN E 164 -37.97 -19.07 -3.07
N ALA E 165 -36.86 -18.43 -3.47
CA ALA E 165 -35.55 -19.09 -3.45
C ALA E 165 -34.99 -19.23 -2.05
N PHE E 166 -35.07 -18.19 -1.24
CA PHE E 166 -34.54 -18.24 0.12
C PHE E 166 -35.35 -19.12 1.05
N GLN E 167 -36.67 -19.19 0.84
CA GLN E 167 -37.52 -20.21 1.51
C GLN E 167 -36.89 -21.59 1.41
N THR E 168 -36.47 -21.96 0.19
CA THR E 168 -35.82 -23.25 -0.06
C THR E 168 -34.43 -23.30 0.57
N ILE E 169 -33.65 -22.23 0.42
CA ILE E 169 -32.31 -22.14 1.02
C ILE E 169 -32.44 -22.56 2.48
N ALA E 170 -33.50 -22.06 3.13
CA ALA E 170 -33.70 -22.19 4.57
C ALA E 170 -34.20 -23.58 4.94
N ARG E 171 -35.20 -24.08 4.22
CA ARG E 171 -35.70 -25.42 4.48
C ARG E 171 -34.53 -26.39 4.45
N ASN E 172 -33.69 -26.21 3.43
CA ASN E 172 -32.54 -27.07 3.26
C ASN E 172 -31.50 -26.98 4.38
N ALA E 173 -31.16 -25.75 4.76
CA ALA E 173 -30.17 -25.56 5.81
C ALA E 173 -30.69 -26.19 7.08
N LEU E 174 -31.96 -25.92 7.39
CA LEU E 174 -32.64 -26.53 8.55
C LEU E 174 -32.51 -28.06 8.58
N LYS E 175 -32.88 -28.69 7.46
CA LYS E 175 -32.72 -30.12 7.32
C LYS E 175 -31.29 -30.50 7.66
N GLN E 176 -30.34 -29.91 6.92
CA GLN E 176 -28.90 -30.13 7.12
C GLN E 176 -28.55 -29.98 8.57
N GLU E 177 -29.03 -28.90 9.16
CA GLU E 177 -28.72 -28.59 10.53
C GLU E 177 -29.25 -29.68 11.45
N THR E 178 -30.40 -30.26 11.11
CA THR E 178 -30.98 -31.35 11.91
C THR E 178 -30.04 -32.56 11.91
N GLU E 179 -29.44 -32.83 10.75
CA GLU E 179 -28.35 -33.80 10.63
C GLU E 179 -27.21 -33.48 11.59
N VAL E 180 -26.80 -32.21 11.64
CA VAL E 180 -25.73 -31.74 12.55
C VAL E 180 -26.20 -31.77 14.01
MG MG F . 7.61 16.95 -3.53
PG GNP G . 9.83 15.75 -1.74
O1G GNP G . 10.53 14.50 -1.21
O2G GNP G . 8.30 15.69 -1.81
O3G GNP G . 10.58 16.12 -3.02
N3B GNP G . 10.13 16.95 -0.73
PB GNP G . 9.64 18.44 -0.99
O1B GNP G . 10.69 19.19 -1.72
O2B GNP G . 8.29 18.40 -1.60
O3A GNP G . 9.56 19.10 0.37
PA GNP G . 8.38 18.85 1.30
O1A GNP G . 7.25 19.70 0.86
O2A GNP G . 8.14 17.39 1.44
O5' GNP G . 8.82 19.42 2.70
C5' GNP G . 9.93 18.88 3.42
C4' GNP G . 9.86 19.30 4.88
O4' GNP G . 9.99 20.75 5.07
C3' GNP G . 8.55 18.94 5.55
O3' GNP G . 8.80 18.69 6.92
C2' GNP G . 7.77 20.24 5.40
O2' GNP G . 6.69 20.29 6.30
C1' GNP G . 8.84 21.28 5.71
N9 GNP G . 8.62 22.62 5.15
C8 GNP G . 8.34 22.90 3.82
N7 GNP G . 8.22 24.17 3.58
C5 GNP G . 8.44 24.79 4.79
C6 GNP G . 8.42 26.16 5.14
O6 GNP G . 8.22 27.13 4.38
N1 GNP G . 8.66 26.41 6.48
C2 GNP G . 8.91 25.42 7.40
N2 GNP G . 9.12 25.87 8.66
N3 GNP G . 8.94 24.11 7.10
C4 GNP G . 8.68 23.86 5.78
MG MG H . 15.12 2.39 12.64
PG GNP I . 16.53 -0.26 12.71
O1G GNP I . 16.74 -1.58 12.00
O2G GNP I . 15.34 0.58 12.23
O3G GNP I . 17.90 0.43 12.66
N3B GNP I . 16.23 -0.59 14.24
PB GNP I . 15.80 0.48 15.35
O1B GNP I . 17.02 0.94 16.04
O2B GNP I . 14.97 1.56 14.74
O3A GNP I . 14.98 -0.30 16.36
PA GNP I . 13.46 -0.18 16.50
O1A GNP I . 13.15 1.17 17.04
O2A GNP I . 12.82 -0.55 15.22
O5' GNP I . 13.01 -1.21 17.59
C5' GNP I . 13.47 -2.55 17.45
C4' GNP I . 12.72 -3.46 18.38
O4' GNP I . 13.02 -3.05 19.75
C3' GNP I . 11.21 -3.37 18.24
O3' GNP I . 10.63 -4.60 18.62
C2' GNP I . 10.86 -2.33 19.28
O2' GNP I . 9.55 -2.43 19.73
C1' GNP I . 11.81 -2.72 20.40
N9 GNP I . 12.09 -1.62 21.32
C8 GNP I . 12.62 -0.40 21.00
N7 GNP I . 12.73 0.37 22.05
C5 GNP I . 12.26 -0.39 23.10
C6 GNP I . 12.14 -0.09 24.47
O6 GNP I . 12.46 0.96 25.05
N1 GNP I . 11.61 -1.13 25.21
C2 GNP I . 11.24 -2.33 24.68
N2 GNP I . 10.74 -3.20 25.54
N3 GNP I . 11.33 -2.63 23.41
C4 GNP I . 11.84 -1.61 22.67
MG MG J . -9.85 7.78 -14.28
PG GNP K . -6.90 8.34 -15.13
O1G GNP K . -5.47 8.34 -14.64
O2G GNP K . -7.91 7.95 -14.05
O3G GNP K . -6.84 7.43 -16.34
N3B GNP K . -7.28 9.82 -15.67
PB GNP K . -8.68 10.20 -16.39
O1B GNP K . -8.64 9.85 -17.81
O2B GNP K . -9.78 9.64 -15.52
O3A GNP K . -8.86 11.72 -16.36
PA GNP K . -9.66 12.44 -15.25
O1A GNP K . -11.11 12.30 -15.56
O2A GNP K . -9.19 11.91 -13.94
O5' GNP K . -9.35 13.97 -15.31
C5' GNP K . -7.99 14.46 -15.21
C4' GNP K . -7.97 15.97 -14.96
O4' GNP K . -8.60 16.70 -16.06
C3' GNP K . -8.72 16.40 -13.73
O3' GNP K . -8.09 17.53 -13.23
C2' GNP K . -10.11 16.76 -14.28
O2' GNP K . -10.78 17.62 -13.41
C1' GNP K . -9.71 17.45 -15.58
N9 GNP K . -10.71 17.41 -16.64
C8 GNP K . -11.25 16.27 -17.19
N7 GNP K . -12.10 16.49 -18.13
C5 GNP K . -12.12 17.87 -18.24
C6 GNP K . -12.88 18.68 -19.12
O6 GNP K . -13.67 18.29 -19.98
N1 GNP K . -12.64 20.04 -18.91
C2 GNP K . -11.78 20.57 -17.97
N2 GNP K . -11.69 21.92 -17.94
N3 GNP K . -11.06 19.81 -17.15
C4 GNP K . -11.28 18.47 -17.33
MG MG L . 11.57 -19.42 7.44
PG GNP M . 12.04 -21.38 5.23
O1G GNP M . 12.43 -21.46 3.76
O2G GNP M . 11.43 -20.05 5.69
O3G GNP M . 13.26 -21.86 6.01
N3B GNP M . 10.87 -22.47 5.40
PB GNP M . 10.07 -22.65 6.75
O1B GNP M . 10.75 -23.64 7.60
O2B GNP M . 9.93 -21.29 7.32
O3A GNP M . 8.69 -23.21 6.41
PA GNP M . 7.42 -22.38 6.20
O1A GNP M . 6.76 -22.15 7.50
O2A GNP M . 7.71 -21.22 5.31
O5' GNP M . 6.40 -23.27 5.41
C5' GNP M . 6.85 -24.14 4.40
C4' GNP M . 5.64 -24.88 3.87
O4' GNP M . 5.14 -25.77 4.91
C3' GNP M . 4.46 -23.99 3.53
O3' GNP M . 3.69 -24.62 2.52
C2' GNP M . 3.73 -23.93 4.86
O2' GNP M . 2.39 -23.54 4.72
C1' GNP M . 3.81 -25.39 5.23
N9 GNP M . 3.64 -25.73 6.64
C8 GNP M . 4.47 -25.35 7.69
N7 GNP M . 4.08 -25.82 8.85
C5 GNP M . 2.93 -26.56 8.55
C6 GNP M . 2.09 -27.31 9.41
O6 GNP M . 2.18 -27.46 10.63
N1 GNP M . 1.03 -27.91 8.72
C2 GNP M . 0.83 -27.81 7.36
N2 GNP M . -0.24 -28.47 6.87
N3 GNP M . 1.61 -27.11 6.54
C4 GNP M . 2.65 -26.51 7.20
MG MG N . -21.07 -8.66 -3.14
PG GNP O . -19.38 -8.09 -5.37
O1G GNP O . -18.17 -7.36 -5.96
O2G GNP O . -20.09 -7.36 -4.22
O3G GNP O . -18.85 -9.48 -5.08
N3B GNP O . -20.49 -8.30 -6.53
PB GNP O . -21.95 -8.87 -6.26
O1B GNP O . -22.05 -10.29 -6.66
O2B GNP O . -22.30 -8.51 -4.85
O3A GNP O . -22.90 -8.13 -7.16
PA GNP O . -23.60 -6.89 -6.65
O1A GNP O . -24.82 -7.35 -5.94
O2A GNP O . -22.60 -6.04 -5.94
O5' GNP O . -24.07 -6.00 -7.87
C5' GNP O . -23.36 -5.97 -9.12
C4' GNP O . -24.09 -5.12 -10.15
O4' GNP O . -25.24 -5.84 -10.69
C3' GNP O . -24.69 -3.83 -9.61
O3' GNP O . -24.72 -2.86 -10.64
C2' GNP O . -26.10 -4.23 -9.22
O2' GNP O . -26.94 -3.10 -9.16
C1' GNP O . -26.45 -5.16 -10.39
N9 GNP O . -27.45 -6.20 -10.13
C8 GNP O . -27.40 -7.18 -9.16
N7 GNP O . -28.41 -8.00 -9.20
C5 GNP O . -29.18 -7.55 -10.27
C6 GNP O . -30.40 -8.06 -10.80
O6 GNP O . -31.05 -9.03 -10.41
N1 GNP O . -30.85 -7.34 -11.89
C2 GNP O . -30.19 -6.24 -12.41
N2 GNP O . -30.76 -5.64 -13.47
N3 GNP O . -29.04 -5.77 -11.94
C4 GNP O . -28.59 -6.47 -10.86
#